data_4CAF
#
_entry.id   4CAF
#
_cell.length_a   57.460
_cell.length_b   121.100
_cell.length_c   178.380
_cell.angle_alpha   90.00
_cell.angle_beta   90.00
_cell.angle_gamma   90.00
#
_symmetry.space_group_name_H-M   'P 21 21 21'
#
loop_
_entity.id
_entity.type
_entity.pdbx_description
1 polymer 'GLYCYLPEPTIDE N-TETRADECANOYLTRANSFERASE'
2 non-polymer 4-[(2-{5-[(3,5-dimethyl-1H-pyrazol-4-yl)methyl]-1,3,4-oxadiazol-2-yl}-1-benzothiophen-3-yl)oxy]piperidine
3 non-polymer 'DIMETHYL SULFOXIDE'
4 non-polymer 'SULFATE ION'
5 non-polymer 'MAGNESIUM ION'
6 non-polymer 'AMMONIUM ION'
7 non-polymer 'CHLORIDE ION'
8 non-polymer 2-oxopentadecyl-CoA
9 water water
#
_entity_poly.entity_id   1
_entity_poly.type   'polypeptide(L)'
_entity_poly.pdbx_seq_one_letter_code
;DYKFWYTQPVPKINDEFNESVNEPFISDNKVEDVRKDEYKLPPGYSWYVCDVKDEKDRSEIYTLLTDNYVEDDDNIFRFN
YSAEFLLWALTSPNYLKTWHIGVKYDASNKLIGFISAIPTDICIHKRTIKMAEVNFLCVHKTLRSKRLAPVLIKEITRRI
NLENIWQAIYTAGVYLPKPVSDARYYHRSINVKKLIEIGFSSLNSRLTMSRAIKLYRVEDTLNIKNMRLMKKKDVEGVHK
LLGSYLEQFNLYAVFTKEEIAHWFLPIENVIYTYVNEENGKIKDMISFYSLPSQILGNDKYSTLNAAYSFYNVTTTATFK
QLMQDAILLAKRNNFDVFNALEVMQNKSVFEDLKFGEGDGSLKYYLYNWKCASFAPAHVGIVLL
;
_entity_poly.pdbx_strand_id   A,B,C
#
# COMPACT_ATOMS: atom_id res chain seq x y z
N ASP A 1 -5.59 39.46 15.23
CA ASP A 1 -4.25 40.04 15.51
C ASP A 1 -3.24 39.01 16.03
N TYR A 2 -3.72 37.99 16.76
CA TYR A 2 -2.83 36.99 17.43
C TYR A 2 -1.56 37.61 18.03
N LYS A 3 -1.74 38.52 18.96
CA LYS A 3 -0.59 39.24 19.57
C LYS A 3 0.30 38.31 20.40
N PHE A 4 -0.30 37.25 20.94
CA PHE A 4 0.54 36.29 21.68
C PHE A 4 1.08 35.27 20.69
N TRP A 5 0.20 34.65 19.88
CA TRP A 5 0.72 33.59 18.96
C TRP A 5 1.82 34.06 18.01
N TYR A 6 1.75 35.34 17.59
CA TYR A 6 2.78 35.85 16.68
C TYR A 6 4.20 35.97 17.26
N THR A 7 4.34 35.91 18.58
CA THR A 7 5.65 35.86 19.24
C THR A 7 6.21 34.45 19.30
N GLN A 8 5.39 33.44 18.90
CA GLN A 8 5.74 32.04 19.05
C GLN A 8 6.25 31.43 17.76
N PRO A 9 7.01 30.30 17.88
CA PRO A 9 7.48 29.64 16.62
C PRO A 9 6.40 28.77 15.96
N VAL A 10 5.40 29.40 15.35
CA VAL A 10 4.31 28.73 14.64
C VAL A 10 4.14 29.60 13.37
N PRO A 11 3.40 29.05 12.40
CA PRO A 11 3.36 29.74 11.10
C PRO A 11 2.54 31.00 11.26
N LYS A 12 2.86 32.04 10.49
CA LYS A 12 1.92 33.15 10.32
C LYS A 12 0.71 32.66 9.51
N ILE A 13 -0.41 33.33 9.74
CA ILE A 13 -1.67 33.09 9.05
C ILE A 13 -1.51 32.88 7.54
N ASN A 14 -0.63 33.65 6.90
CA ASN A 14 -0.42 33.49 5.46
C ASN A 14 0.68 32.56 5.02
N ASP A 15 1.36 31.93 5.98
CA ASP A 15 2.46 30.99 5.63
C ASP A 15 1.96 29.71 4.91
N GLU A 16 2.60 29.34 3.78
CA GLU A 16 2.30 28.05 3.17
CA GLU A 16 2.27 28.15 2.98
C GLU A 16 3.61 27.44 2.73
N PHE A 17 3.79 26.14 3.07
CA PHE A 17 5.09 25.49 2.81
C PHE A 17 4.90 24.34 1.86
N ASN A 18 5.88 24.14 0.96
CA ASN A 18 6.02 22.98 0.06
CA ASN A 18 5.68 22.97 0.13
C ASN A 18 6.12 21.64 0.79
N GLU A 19 5.71 20.56 0.13
CA GLU A 19 5.77 19.21 0.73
CA GLU A 19 5.79 19.21 0.74
C GLU A 19 7.18 18.82 1.16
N SER A 20 8.17 19.44 0.55
CA SER A 20 9.53 19.16 0.90
C SER A 20 10.07 19.87 2.18
N VAL A 21 9.37 20.88 2.68
CA VAL A 21 9.77 21.54 3.92
C VAL A 21 9.17 20.72 5.05
N ASN A 22 10.00 20.30 6.02
CA ASN A 22 9.55 19.49 7.12
C ASN A 22 10.61 19.63 8.23
N GLU A 23 10.52 20.65 9.09
CA GLU A 23 11.66 21.02 9.97
C GLU A 23 11.16 22.02 11.00
N PRO A 24 11.94 22.19 12.10
CA PRO A 24 11.56 23.20 13.09
C PRO A 24 11.60 24.62 12.51
N PHE A 25 10.84 25.51 13.13
CA PHE A 25 11.05 26.96 12.95
C PHE A 25 12.36 27.38 13.61
N ILE A 26 12.67 26.80 14.76
CA ILE A 26 13.88 27.23 15.52
C ILE A 26 14.58 25.94 15.85
N SER A 27 15.79 25.76 15.31
CA SER A 27 16.57 24.55 15.55
CA SER A 27 16.53 24.53 15.60
C SER A 27 17.69 24.80 16.55
N ASP A 28 18.46 23.77 16.89
CA ASP A 28 19.71 23.93 17.71
C ASP A 28 19.37 24.62 19.04
N ASN A 29 18.24 24.25 19.63
CA ASN A 29 17.88 24.72 20.95
C ASN A 29 18.78 24.08 21.97
N LYS A 30 18.94 24.75 23.10
CA LYS A 30 19.87 24.25 24.13
C LYS A 30 19.16 24.22 25.47
N VAL A 31 19.04 23.01 26.01
CA VAL A 31 18.44 22.87 27.35
CA VAL A 31 18.48 22.81 27.36
C VAL A 31 19.11 23.75 28.41
N GLU A 32 20.44 23.93 28.30
CA GLU A 32 21.15 24.78 29.27
C GLU A 32 20.65 26.24 29.30
N ASP A 33 20.04 26.69 28.19
CA ASP A 33 19.63 28.07 28.03
C ASP A 33 18.19 28.31 28.50
N VAL A 34 17.44 27.23 28.72
CA VAL A 34 16.03 27.36 29.15
C VAL A 34 15.90 28.10 30.47
N ARG A 35 14.94 29.02 30.56
CA ARG A 35 14.67 29.73 31.84
C ARG A 35 14.38 28.72 32.97
N LYS A 36 14.96 28.96 34.16
CA LYS A 36 14.75 28.12 35.30
C LYS A 36 13.74 28.70 36.26
N ASP A 37 13.32 29.93 36.03
CA ASP A 37 12.31 30.57 36.89
C ASP A 37 10.90 30.32 36.36
N GLU A 38 9.95 30.07 37.25
CA GLU A 38 8.54 29.92 36.80
C GLU A 38 8.06 31.26 36.27
N TYR A 39 7.23 31.23 35.22
CA TYR A 39 6.58 32.48 34.74
C TYR A 39 5.72 33.12 35.85
N LYS A 40 5.68 34.44 35.82
CA LYS A 40 4.95 35.19 36.82
C LYS A 40 3.44 35.15 36.58
N LEU A 41 2.73 34.92 37.67
CA LEU A 41 1.28 34.94 37.68
C LEU A 41 0.83 36.25 38.27
N PRO A 42 -0.41 36.66 38.00
CA PRO A 42 -0.85 37.90 38.69
C PRO A 42 -0.92 37.74 40.19
N PRO A 43 -0.84 38.86 40.95
CA PRO A 43 -0.89 38.80 42.41
C PRO A 43 -2.05 37.96 42.93
N GLY A 44 -1.76 37.05 43.87
CA GLY A 44 -2.81 36.29 44.59
C GLY A 44 -3.00 34.94 43.97
N TYR A 45 -2.20 34.62 42.93
CA TYR A 45 -2.29 33.29 42.26
C TYR A 45 -0.96 32.57 42.31
N SER A 46 -0.97 31.26 42.39
CA SER A 46 0.26 30.46 42.52
C SER A 46 0.21 29.22 41.64
N TRP A 47 1.37 28.82 41.13
CA TRP A 47 1.44 27.50 40.49
C TRP A 47 1.22 26.38 41.48
N TYR A 48 0.69 25.25 41.01
CA TYR A 48 0.48 24.14 41.90
C TYR A 48 0.85 22.90 41.09
N VAL A 49 1.61 21.96 41.64
CA VAL A 49 1.84 20.74 40.82
C VAL A 49 0.79 19.74 41.18
N CYS A 50 -0.06 19.40 40.21
CA CYS A 50 -1.17 18.45 40.48
C CYS A 50 -0.65 17.02 40.54
N ASP A 51 -1.12 16.23 41.54
CA ASP A 51 -0.84 14.79 41.50
C ASP A 51 -2.05 14.02 41.01
N VAL A 52 -2.06 13.72 39.71
CA VAL A 52 -3.27 13.11 39.13
CA VAL A 52 -3.24 13.11 39.09
C VAL A 52 -3.50 11.72 39.67
N LYS A 53 -2.46 11.11 40.24
CA LYS A 53 -2.68 9.82 40.90
C LYS A 53 -3.31 9.92 42.27
N ASP A 54 -3.36 11.12 42.83
CA ASP A 54 -4.01 11.33 44.13
C ASP A 54 -5.50 11.64 43.85
N GLU A 55 -6.41 10.87 44.46
CA GLU A 55 -7.83 10.99 44.14
C GLU A 55 -8.33 12.42 44.35
N LYS A 56 -7.91 13.04 45.44
CA LYS A 56 -8.39 14.38 45.76
C LYS A 56 -7.82 15.48 44.83
N ASP A 57 -6.52 15.43 44.51
CA ASP A 57 -6.02 16.38 43.47
C ASP A 57 -6.72 16.10 42.14
N ARG A 58 -6.94 14.85 41.79
CA ARG A 58 -7.60 14.51 40.50
C ARG A 58 -9.02 15.03 40.53
N SER A 59 -9.67 14.94 41.69
N SER A 59 -9.67 14.95 41.69
CA SER A 59 -11.05 15.46 41.80
CA SER A 59 -11.04 15.49 41.78
C SER A 59 -11.11 17.00 41.63
C SER A 59 -11.12 17.01 41.64
N GLU A 60 -10.07 17.72 42.03
CA GLU A 60 -10.02 19.16 41.81
CA GLU A 60 -10.13 19.14 41.82
C GLU A 60 -9.99 19.52 40.35
N ILE A 61 -9.20 18.73 39.62
CA ILE A 61 -9.01 19.03 38.17
C ILE A 61 -10.39 18.72 37.53
N TYR A 62 -11.01 17.62 37.99
CA TYR A 62 -12.26 17.16 37.45
C TYR A 62 -13.30 18.26 37.60
N THR A 63 -13.35 18.83 38.80
CA THR A 63 -14.36 19.86 39.07
C THR A 63 -14.10 21.09 38.18
N LEU A 64 -12.84 21.53 38.12
CA LEU A 64 -12.51 22.67 37.28
C LEU A 64 -12.96 22.42 35.82
N LEU A 65 -12.67 21.21 35.29
CA LEU A 65 -13.09 20.91 33.88
C LEU A 65 -14.61 20.77 33.74
N THR A 66 -15.23 20.08 34.68
CA THR A 66 -16.70 19.92 34.63
C THR A 66 -17.40 21.28 34.55
N ASP A 67 -16.93 22.25 35.36
CA ASP A 67 -17.55 23.57 35.33
C ASP A 67 -17.12 24.57 34.23
N ASN A 68 -15.93 24.39 33.61
CA ASN A 68 -15.29 25.48 32.89
C ASN A 68 -14.65 25.05 31.59
N TYR A 69 -14.86 23.79 31.22
CA TYR A 69 -14.14 23.33 30.01
C TYR A 69 -14.94 23.57 28.73
N VAL A 70 -14.57 22.92 27.64
CA VAL A 70 -15.10 23.28 26.29
C VAL A 70 -16.60 23.09 26.14
N GLU A 71 -17.29 24.10 25.57
CA GLU A 71 -18.70 23.90 25.20
C GLU A 71 -18.83 23.98 23.72
N ASP A 72 -19.95 23.48 23.20
CA ASP A 72 -20.21 23.61 21.76
C ASP A 72 -20.55 25.08 21.48
N ASP A 73 -20.66 25.44 20.22
CA ASP A 73 -20.87 26.84 19.83
C ASP A 73 -22.10 27.54 20.42
N ASP A 74 -23.12 26.72 20.64
CA ASP A 74 -24.39 27.20 21.15
CA ASP A 74 -24.39 27.20 21.18
C ASP A 74 -24.55 27.07 22.68
N ASN A 75 -23.47 26.62 23.36
CA ASN A 75 -23.51 26.50 24.84
C ASN A 75 -24.67 25.69 25.34
N ILE A 76 -24.90 24.57 24.67
CA ILE A 76 -25.86 23.54 25.08
C ILE A 76 -25.13 22.36 25.75
N PHE A 77 -23.90 22.06 25.31
CA PHE A 77 -23.19 20.86 25.82
C PHE A 77 -21.86 21.32 26.42
N ARG A 78 -21.38 20.73 27.51
CA ARG A 78 -20.01 21.06 27.91
C ARG A 78 -19.35 19.70 28.15
N PHE A 79 -18.13 19.50 27.66
CA PHE A 79 -17.51 18.20 27.90
C PHE A 79 -17.41 17.93 29.38
N ASN A 80 -17.59 16.65 29.74
CA ASN A 80 -17.55 16.21 31.15
C ASN A 80 -16.64 14.94 31.26
N TYR A 81 -15.37 15.10 30.93
CA TYR A 81 -14.37 14.02 31.12
C TYR A 81 -14.45 13.49 32.53
N SER A 82 -14.51 12.19 32.70
CA SER A 82 -14.58 11.63 34.06
C SER A 82 -13.23 11.71 34.73
N ALA A 83 -13.24 11.58 36.05
CA ALA A 83 -11.99 11.54 36.82
C ALA A 83 -11.13 10.37 36.36
N GLU A 84 -11.75 9.18 36.14
CA GLU A 84 -10.92 8.06 35.74
CA GLU A 84 -10.97 8.03 35.71
C GLU A 84 -10.38 8.25 34.34
N PHE A 85 -11.13 8.97 33.46
CA PHE A 85 -10.58 9.25 32.11
C PHE A 85 -9.33 10.15 32.23
N LEU A 86 -9.41 11.14 33.11
CA LEU A 86 -8.30 12.06 33.28
C LEU A 86 -7.04 11.30 33.81
N LEU A 87 -7.24 10.34 34.69
CA LEU A 87 -6.12 9.50 35.15
C LEU A 87 -5.47 8.78 33.97
N TRP A 88 -6.28 8.10 33.17
CA TRP A 88 -5.76 7.41 31.98
C TRP A 88 -5.07 8.38 30.99
N ALA A 89 -5.71 9.51 30.73
CA ALA A 89 -5.19 10.44 29.75
C ALA A 89 -3.85 11.07 30.16
N LEU A 90 -3.57 11.10 31.46
CA LEU A 90 -2.40 11.87 31.92
C LEU A 90 -1.24 11.02 32.45
N THR A 91 -1.42 9.72 32.55
CA THR A 91 -0.44 8.84 33.22
C THR A 91 0.09 7.74 32.28
N SER A 92 0.13 8.10 31.03
CA SER A 92 0.67 7.26 29.98
C SER A 92 2.18 7.04 30.18
N PRO A 93 2.77 6.08 29.46
CA PRO A 93 4.18 5.82 29.70
C PRO A 93 5.12 7.03 29.65
N ASN A 94 5.99 7.10 30.65
CA ASN A 94 6.99 8.15 30.82
C ASN A 94 6.40 9.52 31.08
N TYR A 95 5.15 9.54 31.53
CA TYR A 95 4.52 10.86 31.85
C TYR A 95 5.38 11.57 32.92
N LEU A 96 5.30 12.89 32.96
CA LEU A 96 5.94 13.67 34.00
C LEU A 96 4.83 14.35 34.83
N LYS A 97 4.87 14.14 36.15
CA LYS A 97 3.93 14.84 37.05
C LYS A 97 4.14 16.38 36.92
N THR A 98 5.37 16.82 36.57
CA THR A 98 5.60 18.26 36.54
C THR A 98 5.01 18.93 35.28
N TRP A 99 4.42 18.12 34.41
CA TRP A 99 3.75 18.67 33.22
C TRP A 99 2.25 18.68 33.44
N HIS A 100 1.80 18.50 34.70
CA HIS A 100 0.39 18.58 35.03
C HIS A 100 0.25 19.79 35.95
N ILE A 101 -0.05 20.94 35.36
CA ILE A 101 0.23 22.23 35.99
C ILE A 101 -1.08 22.90 36.34
N GLY A 102 -1.29 23.18 37.63
CA GLY A 102 -2.48 23.92 38.06
C GLY A 102 -2.13 25.35 38.46
N VAL A 103 -3.17 26.18 38.65
CA VAL A 103 -2.94 27.53 39.16
C VAL A 103 -4.03 27.64 40.19
N LYS A 104 -3.63 27.96 41.43
CA LYS A 104 -4.63 28.22 42.47
C LYS A 104 -4.79 29.69 42.79
N TYR A 105 -5.98 30.03 43.28
CA TYR A 105 -6.21 31.34 43.86
C TYR A 105 -5.82 31.17 45.37
N ASP A 106 -4.80 31.92 45.82
CA ASP A 106 -4.23 31.68 47.13
C ASP A 106 -5.29 31.78 48.23
N ALA A 107 -6.13 32.79 48.13
CA ALA A 107 -7.03 33.09 49.28
C ALA A 107 -8.12 32.03 49.48
N SER A 108 -8.65 31.45 48.41
CA SER A 108 -9.55 30.27 48.55
C SER A 108 -8.90 28.88 48.47
N ASN A 109 -7.66 28.80 48.01
CA ASN A 109 -6.98 27.51 47.80
C ASN A 109 -7.66 26.69 46.73
N LYS A 110 -8.36 27.36 45.85
CA LYS A 110 -9.15 26.69 44.80
C LYS A 110 -8.33 26.65 43.50
N LEU A 111 -8.36 25.52 42.79
CA LEU A 111 -7.76 25.44 41.47
C LEU A 111 -8.60 26.30 40.47
N ILE A 112 -8.02 27.26 39.83
CA ILE A 112 -8.71 28.10 38.82
C ILE A 112 -8.16 28.01 37.39
N GLY A 113 -7.10 27.21 37.21
CA GLY A 113 -6.52 27.06 35.87
C GLY A 113 -5.74 25.74 35.82
N PHE A 114 -5.57 25.20 34.61
CA PHE A 114 -4.85 23.92 34.42
C PHE A 114 -4.35 23.89 32.98
N ILE A 115 -3.24 23.17 32.80
CA ILE A 115 -2.78 22.81 31.45
C ILE A 115 -1.96 21.52 31.61
N SER A 116 -1.95 20.61 30.61
CA SER A 116 -1.18 19.37 30.80
C SER A 116 -0.49 18.98 29.53
N ALA A 117 0.54 18.16 29.67
CA ALA A 117 1.17 17.55 28.52
C ALA A 117 1.57 16.14 28.86
N ILE A 118 1.67 15.27 27.83
CA ILE A 118 2.31 13.96 28.00
C ILE A 118 3.28 13.80 26.85
N PRO A 119 4.31 12.99 27.04
CA PRO A 119 5.29 12.81 25.96
C PRO A 119 4.84 11.76 24.99
N THR A 120 5.05 11.98 23.69
CA THR A 120 4.69 11.00 22.66
CA THR A 120 4.65 11.03 22.64
C THR A 120 5.65 11.18 21.48
N ASP A 121 5.98 10.09 20.76
CA ASP A 121 6.73 10.23 19.53
CA ASP A 121 6.75 10.22 19.55
C ASP A 121 5.78 10.48 18.40
N ILE A 122 5.99 11.53 17.65
CA ILE A 122 5.00 11.90 16.60
C ILE A 122 5.77 11.79 15.29
N CYS A 123 5.19 11.08 14.36
CA CYS A 123 5.77 11.07 12.99
C CYS A 123 4.98 12.06 12.09
N ILE A 124 5.68 13.09 11.59
CA ILE A 124 5.08 14.13 10.73
C ILE A 124 5.82 14.06 9.39
N HIS A 125 5.07 13.74 8.33
CA HIS A 125 5.69 13.55 6.98
CA HIS A 125 5.68 13.55 6.96
C HIS A 125 6.95 12.66 7.05
N LYS A 126 6.79 11.51 7.71
CA LYS A 126 7.86 10.51 7.75
C LYS A 126 9.07 10.85 8.60
N ARG A 127 9.02 11.90 9.41
CA ARG A 127 10.14 12.18 10.33
C ARG A 127 9.54 11.99 11.73
N THR A 128 10.16 11.16 12.54
CA THR A 128 9.64 10.96 13.91
C THR A 128 10.37 11.86 14.90
N ILE A 129 9.60 12.55 15.73
CA ILE A 129 10.11 13.63 16.58
C ILE A 129 9.56 13.40 18.00
N LYS A 130 10.36 13.59 19.03
CA LYS A 130 9.82 13.47 20.40
C LYS A 130 9.03 14.76 20.65
N MET A 131 7.74 14.62 21.00
CA MET A 131 6.91 15.82 21.20
C MET A 131 6.19 15.74 22.51
N ALA A 132 5.62 16.84 22.88
CA ALA A 132 4.60 16.86 23.95
C ALA A 132 3.20 16.98 23.33
N GLU A 133 2.25 16.22 23.88
CA GLU A 133 0.88 16.33 23.43
C GLU A 133 0.21 17.18 24.52
N VAL A 134 -0.30 18.35 24.16
CA VAL A 134 -0.84 19.31 25.16
C VAL A 134 -2.33 19.15 25.17
N ASN A 135 -2.96 19.19 26.36
CA ASN A 135 -4.43 19.05 26.42
C ASN A 135 -4.92 19.62 27.75
N PHE A 136 -6.22 19.82 27.84
CA PHE A 136 -6.90 20.24 29.05
C PHE A 136 -6.53 21.64 29.52
N LEU A 137 -6.11 22.53 28.61
CA LEU A 137 -5.88 23.92 28.97
C LEU A 137 -7.28 24.47 29.39
N CYS A 138 -7.35 25.07 30.54
CA CYS A 138 -8.61 25.55 31.04
C CYS A 138 -8.41 26.70 32.02
N VAL A 139 -9.17 27.77 31.84
CA VAL A 139 -9.15 28.84 32.82
C VAL A 139 -10.61 29.03 33.29
N HIS A 140 -10.82 29.13 34.61
CA HIS A 140 -12.14 29.34 35.18
C HIS A 140 -12.93 30.44 34.42
N LYS A 141 -14.23 30.20 34.28
CA LYS A 141 -15.08 31.13 33.54
C LYS A 141 -15.01 32.55 34.08
N THR A 142 -14.75 32.70 35.38
CA THR A 142 -14.76 34.01 35.99
C THR A 142 -13.52 34.79 35.69
N LEU A 143 -12.49 34.14 35.12
CA LEU A 143 -11.17 34.80 34.91
C LEU A 143 -10.79 34.85 33.42
N ARG A 144 -11.80 34.82 32.56
CA ARG A 144 -11.53 34.80 31.10
C ARG A 144 -11.07 36.14 30.59
N SER A 145 -10.32 36.11 29.49
CA SER A 145 -9.80 37.28 28.78
C SER A 145 -8.89 38.13 29.62
N LYS A 146 -8.14 37.50 30.55
CA LYS A 146 -7.16 38.22 31.39
C LYS A 146 -5.74 37.91 31.00
N ARG A 147 -5.62 37.24 29.87
CA ARG A 147 -4.30 36.80 29.36
C ARG A 147 -3.62 35.80 30.30
N LEU A 148 -4.42 34.99 31.01
CA LEU A 148 -3.82 33.93 31.80
C LEU A 148 -3.38 32.76 30.89
N ALA A 149 -4.08 32.57 29.76
CA ALA A 149 -3.79 31.37 28.95
C ALA A 149 -2.34 31.45 28.42
N PRO A 150 -1.89 32.64 27.93
CA PRO A 150 -0.48 32.62 27.42
C PRO A 150 0.50 32.31 28.58
N VAL A 151 0.19 32.73 29.81
CA VAL A 151 1.09 32.32 30.94
C VAL A 151 1.16 30.80 31.10
N LEU A 152 0.01 30.12 31.10
CA LEU A 152 -0.07 28.66 31.17
C LEU A 152 0.74 27.99 30.01
N ILE A 153 0.51 28.51 28.82
CA ILE A 153 1.22 28.00 27.62
C ILE A 153 2.76 28.22 27.79
N LYS A 154 3.18 29.45 28.16
CA LYS A 154 4.64 29.68 28.19
C LYS A 154 5.23 28.81 29.32
N GLU A 155 4.51 28.66 30.45
CA GLU A 155 5.08 27.85 31.55
C GLU A 155 5.21 26.38 31.16
N ILE A 156 4.19 25.83 30.43
CA ILE A 156 4.36 24.41 30.05
C ILE A 156 5.44 24.24 28.99
N THR A 157 5.51 25.24 28.09
CA THR A 157 6.59 25.17 27.08
C THR A 157 7.94 25.11 27.80
N ARG A 158 8.13 25.92 28.83
CA ARG A 158 9.42 26.03 29.54
C ARG A 158 9.72 24.63 30.14
N ARG A 159 8.74 24.08 30.82
CA ARG A 159 8.95 22.75 31.50
C ARG A 159 9.17 21.62 30.48
N ILE A 160 8.53 21.72 29.32
CA ILE A 160 8.76 20.74 28.28
C ILE A 160 10.21 20.90 27.71
N ASN A 161 10.63 22.14 27.46
CA ASN A 161 11.92 22.39 26.93
C ASN A 161 13.03 21.92 27.93
N LEU A 162 12.72 21.95 29.23
CA LEU A 162 13.70 21.40 30.23
C LEU A 162 14.02 19.91 29.97
N GLU A 163 13.08 19.21 29.33
CA GLU A 163 13.33 17.82 29.01
C GLU A 163 13.93 17.65 27.64
N ASN A 164 14.47 18.73 27.04
CA ASN A 164 15.05 18.69 25.68
C ASN A 164 14.03 18.29 24.63
N ILE A 165 12.80 18.77 24.82
CA ILE A 165 11.71 18.58 23.83
C ILE A 165 11.28 19.95 23.34
N TRP A 166 11.14 20.07 22.02
CA TRP A 166 11.04 21.40 21.39
C TRP A 166 9.88 21.53 20.40
N GLN A 167 9.07 20.46 20.27
CA GLN A 167 7.91 20.41 19.44
C GLN A 167 6.72 19.91 20.27
N ALA A 168 5.52 20.32 19.86
CA ALA A 168 4.30 19.84 20.52
C ALA A 168 3.25 19.64 19.53
N ILE A 169 2.29 18.79 19.88
CA ILE A 169 1.08 18.66 19.08
C ILE A 169 -0.13 19.00 19.96
N TYR A 170 -1.13 19.65 19.37
CA TYR A 170 -2.36 19.99 20.12
C TYR A 170 -3.50 20.14 19.11
N THR A 171 -4.73 20.08 19.62
CA THR A 171 -5.92 20.27 18.78
C THR A 171 -6.81 21.34 19.43
N ALA A 172 -7.60 22.05 18.62
CA ALA A 172 -8.56 23.00 19.25
C ALA A 172 -9.70 23.14 18.23
N GLY A 173 -10.89 23.49 18.72
CA GLY A 173 -12.03 23.88 17.82
C GLY A 173 -11.79 25.29 17.31
N VAL A 174 -11.07 26.10 18.03
CA VAL A 174 -10.84 27.48 17.57
C VAL A 174 -9.70 27.54 16.55
N TYR A 175 -9.78 28.53 15.69
CA TYR A 175 -8.74 28.73 14.68
C TYR A 175 -7.59 29.55 15.27
N LEU A 176 -6.36 29.05 15.17
CA LEU A 176 -5.13 29.70 15.67
C LEU A 176 -4.10 29.54 14.57
N PRO A 177 -3.02 30.33 14.61
CA PRO A 177 -1.95 30.12 13.62
C PRO A 177 -1.20 28.82 13.95
N LYS A 178 -1.10 27.82 13.07
CA LYS A 178 -1.91 27.73 11.84
C LYS A 178 -2.13 26.24 11.68
N PRO A 179 -3.36 25.79 11.41
CA PRO A 179 -3.55 24.34 11.42
C PRO A 179 -2.72 23.62 10.34
N VAL A 180 -2.19 22.46 10.70
CA VAL A 180 -1.62 21.50 9.69
C VAL A 180 -2.73 20.68 9.02
N SER A 181 -3.88 20.55 9.69
CA SER A 181 -5.05 19.86 9.11
C SER A 181 -6.31 20.29 9.89
N ASP A 182 -7.49 20.08 9.31
CA ASP A 182 -8.74 20.54 9.91
C ASP A 182 -9.72 19.44 9.61
N ALA A 183 -10.26 18.81 10.64
CA ALA A 183 -11.17 17.66 10.49
C ALA A 183 -12.55 17.99 11.10
N ARG A 184 -13.59 18.05 10.27
CA ARG A 184 -14.99 18.10 10.81
C ARG A 184 -15.35 16.80 11.57
N TYR A 185 -16.24 16.95 12.53
CA TYR A 185 -16.81 15.77 13.16
C TYR A 185 -18.21 15.47 12.70
N TYR A 186 -18.53 14.20 12.76
CA TYR A 186 -19.78 13.67 12.30
C TYR A 186 -20.35 12.83 13.43
N HIS A 187 -21.65 12.61 13.42
CA HIS A 187 -22.32 11.94 14.55
C HIS A 187 -23.25 10.89 14.02
N ARG A 188 -23.25 9.74 14.63
CA ARG A 188 -24.24 8.72 14.23
C ARG A 188 -25.16 8.45 15.42
N SER A 189 -26.44 8.81 15.25
CA SER A 189 -27.41 8.69 16.33
C SER A 189 -27.59 7.22 16.73
N ILE A 190 -27.59 6.95 18.04
CA ILE A 190 -27.91 5.63 18.57
C ILE A 190 -29.26 5.67 19.31
N ASN A 191 -29.37 6.56 20.29
CA ASN A 191 -30.66 6.73 21.04
CA ASN A 191 -30.61 6.71 21.05
C ASN A 191 -31.27 7.97 20.48
N VAL A 192 -31.98 7.79 19.37
CA VAL A 192 -32.59 8.80 18.54
CA VAL A 192 -32.37 8.97 18.64
C VAL A 192 -33.49 9.70 19.38
N LYS A 193 -34.35 9.02 20.12
CA LYS A 193 -35.38 9.76 20.88
C LYS A 193 -34.74 10.76 21.88
N LYS A 194 -33.82 10.28 22.69
CA LYS A 194 -33.07 11.18 23.58
C LYS A 194 -32.41 12.34 22.81
N LEU A 195 -31.72 12.06 21.72
CA LEU A 195 -31.09 13.13 20.93
C LEU A 195 -32.07 14.19 20.38
N ILE A 196 -33.28 13.75 20.03
N ILE A 196 -33.28 13.78 20.05
CA ILE A 196 -34.38 14.65 19.59
CA ILE A 196 -34.28 14.74 19.59
C ILE A 196 -34.82 15.51 20.77
C ILE A 196 -34.84 15.54 20.77
N GLU A 197 -35.09 14.85 21.88
CA GLU A 197 -35.58 15.53 23.12
C GLU A 197 -34.57 16.58 23.71
N ILE A 198 -33.27 16.39 23.54
CA ILE A 198 -32.32 17.40 23.98
C ILE A 198 -31.96 18.43 22.87
N GLY A 199 -32.50 18.32 21.67
CA GLY A 199 -32.27 19.37 20.66
C GLY A 199 -31.18 19.04 19.64
N PHE A 200 -30.36 18.03 19.94
CA PHE A 200 -29.25 17.55 19.06
C PHE A 200 -29.72 17.06 17.67
N SER A 201 -30.86 16.36 17.61
CA SER A 201 -31.38 15.86 16.34
C SER A 201 -32.75 16.51 16.09
N SER A 202 -33.23 16.44 14.86
CA SER A 202 -34.51 17.02 14.46
C SER A 202 -35.46 16.10 13.70
N LEU A 203 -36.74 16.41 13.88
CA LEU A 203 -37.82 15.79 13.12
C LEU A 203 -38.45 16.75 12.11
N ASN A 204 -39.15 16.19 11.13
CA ASN A 204 -39.99 17.00 10.24
C ASN A 204 -41.23 16.19 9.82
N SER A 205 -42.03 16.67 8.85
CA SER A 205 -43.32 16.01 8.61
C SER A 205 -43.13 14.66 7.87
N ARG A 206 -42.05 14.59 7.09
CA ARG A 206 -41.58 13.32 6.52
C ARG A 206 -41.01 12.43 7.63
N LEU A 207 -40.11 13.01 8.44
CA LEU A 207 -39.49 12.24 9.53
C LEU A 207 -40.12 12.47 10.88
N THR A 208 -41.19 11.69 11.11
CA THR A 208 -41.84 11.61 12.41
C THR A 208 -40.93 10.84 13.40
N MET A 209 -41.33 10.93 14.68
CA MET A 209 -40.56 10.24 15.74
C MET A 209 -40.38 8.75 15.42
N SER A 210 -41.48 8.05 15.11
CA SER A 210 -41.37 6.60 14.86
C SER A 210 -40.45 6.32 13.65
N ARG A 211 -40.51 7.18 12.63
CA ARG A 211 -39.73 6.94 11.41
C ARG A 211 -38.26 7.22 11.67
N ALA A 212 -37.99 8.23 12.50
CA ALA A 212 -36.60 8.53 12.92
C ALA A 212 -35.98 7.34 13.68
N ILE A 213 -36.75 6.78 14.60
CA ILE A 213 -36.30 5.63 15.40
C ILE A 213 -36.01 4.45 14.44
N LYS A 214 -36.89 4.22 13.46
N LYS A 214 -36.91 4.26 13.47
CA LYS A 214 -36.62 3.07 12.59
CA LYS A 214 -36.75 3.19 12.49
C LYS A 214 -35.45 3.34 11.67
C LYS A 214 -35.49 3.36 11.69
N LEU A 215 -35.28 4.59 11.24
CA LEU A 215 -34.15 4.90 10.35
C LEU A 215 -32.78 4.51 10.99
N TYR A 216 -32.67 4.70 12.28
CA TYR A 216 -31.35 4.52 12.98
C TYR A 216 -31.27 3.16 13.68
N ARG A 217 -32.29 2.31 13.52
CA ARG A 217 -32.32 0.97 14.16
CA ARG A 217 -32.33 0.97 14.14
C ARG A 217 -31.07 0.19 13.75
N VAL A 218 -30.44 -0.49 14.69
CA VAL A 218 -29.37 -1.39 14.20
C VAL A 218 -29.65 -2.85 14.60
N GLU A 219 -29.17 -3.75 13.78
CA GLU A 219 -29.26 -5.17 14.04
C GLU A 219 -28.18 -5.48 15.08
N ASP A 220 -28.62 -6.14 16.13
CA ASP A 220 -27.75 -6.56 17.23
C ASP A 220 -26.89 -7.84 16.90
N THR A 221 -26.28 -7.84 15.73
CA THR A 221 -25.41 -8.97 15.34
C THR A 221 -24.16 -8.42 14.67
N LEU A 222 -22.99 -8.85 15.13
CA LEU A 222 -21.73 -8.33 14.57
C LEU A 222 -21.49 -8.89 13.18
N ASN A 223 -20.95 -8.04 12.32
CA ASN A 223 -20.42 -8.51 11.06
C ASN A 223 -19.21 -9.40 11.25
N ILE A 224 -18.42 -9.11 12.27
CA ILE A 224 -17.18 -9.88 12.54
C ILE A 224 -17.50 -10.63 13.85
N LYS A 225 -17.96 -11.87 13.75
CA LYS A 225 -18.62 -12.54 14.87
C LYS A 225 -17.76 -12.66 16.10
N ASN A 226 -16.44 -12.81 15.91
CA ASN A 226 -15.53 -13.01 17.07
C ASN A 226 -14.96 -11.75 17.69
N MET A 227 -15.43 -10.58 17.27
CA MET A 227 -14.93 -9.32 17.83
CA MET A 227 -14.96 -9.30 17.88
C MET A 227 -15.18 -9.33 19.35
N ARG A 228 -14.09 -9.18 20.14
CA ARG A 228 -14.20 -9.29 21.58
C ARG A 228 -13.34 -8.24 22.29
N LEU A 229 -13.67 -7.97 23.57
CA LEU A 229 -12.84 -7.02 24.34
C LEU A 229 -11.36 -7.49 24.29
N MET A 230 -10.46 -6.50 24.11
CA MET A 230 -9.05 -6.72 24.07
C MET A 230 -8.63 -7.15 25.48
N LYS A 231 -7.66 -8.07 25.50
CA LYS A 231 -7.07 -8.62 26.76
C LYS A 231 -5.60 -8.41 26.71
N LYS A 232 -4.93 -8.54 27.86
CA LYS A 232 -3.51 -8.25 27.84
C LYS A 232 -2.71 -9.12 26.84
N LYS A 233 -3.16 -10.36 26.57
CA LYS A 233 -2.45 -11.19 25.64
C LYS A 233 -2.42 -10.62 24.19
N ASP A 234 -3.27 -9.64 23.90
CA ASP A 234 -3.46 -9.11 22.55
C ASP A 234 -2.58 -7.89 22.28
N VAL A 235 -1.82 -7.47 23.30
CA VAL A 235 -1.02 -6.26 23.12
C VAL A 235 -0.02 -6.37 21.93
N GLU A 236 0.70 -7.50 21.84
CA GLU A 236 1.67 -7.57 20.77
C GLU A 236 0.98 -7.49 19.40
N GLY A 237 -0.12 -8.23 19.24
CA GLY A 237 -0.92 -8.26 18.00
C GLY A 237 -1.52 -6.92 17.63
N VAL A 238 -2.08 -6.21 18.60
CA VAL A 238 -2.56 -4.83 18.35
C VAL A 238 -1.41 -3.93 17.96
N HIS A 239 -0.26 -4.07 18.63
CA HIS A 239 0.88 -3.24 18.30
C HIS A 239 1.33 -3.45 16.84
N LYS A 240 1.37 -4.70 16.40
N LYS A 240 1.35 -4.71 16.42
CA LYS A 240 1.71 -4.94 15.00
CA LYS A 240 1.69 -5.01 15.04
C LYS A 240 0.65 -4.46 14.02
C LYS A 240 0.66 -4.48 14.05
N LEU A 241 -0.61 -4.78 14.28
CA LEU A 241 -1.68 -4.41 13.34
C LEU A 241 -1.77 -2.86 13.22
N LEU A 242 -1.86 -2.19 14.37
CA LEU A 242 -2.03 -0.72 14.36
C LEU A 242 -0.77 -0.05 13.88
N GLY A 243 0.37 -0.57 14.36
CA GLY A 243 1.63 0.12 14.07
C GLY A 243 1.87 0.11 12.58
N SER A 244 1.55 -1.00 11.92
N SER A 244 1.54 -1.00 11.91
CA SER A 244 1.72 -1.05 10.50
CA SER A 244 1.70 -1.13 10.46
C SER A 244 0.74 -0.14 9.76
C SER A 244 0.68 -0.31 9.65
N TYR A 245 -0.55 -0.23 10.15
CA TYR A 245 -1.60 0.56 9.52
C TYR A 245 -1.27 2.07 9.51
N LEU A 246 -0.74 2.56 10.64
CA LEU A 246 -0.61 3.98 10.78
C LEU A 246 0.50 4.55 9.89
N GLU A 247 1.43 3.69 9.40
CA GLU A 247 2.53 4.30 8.66
C GLU A 247 2.14 4.99 7.38
N GLN A 248 0.95 4.67 6.84
CA GLN A 248 0.50 5.33 5.61
C GLN A 248 0.19 6.83 5.77
N PHE A 249 -0.01 7.30 6.99
CA PHE A 249 -0.50 8.65 7.18
C PHE A 249 0.58 9.67 7.30
N ASN A 250 0.19 10.93 7.08
CA ASN A 250 1.13 12.04 7.20
CA ASN A 250 1.08 12.08 7.17
C ASN A 250 1.43 12.46 8.63
N LEU A 251 0.61 12.02 9.58
CA LEU A 251 0.76 12.51 10.97
C LEU A 251 0.22 11.41 11.85
N TYR A 252 1.05 10.81 12.72
CA TYR A 252 0.54 9.74 13.55
C TYR A 252 1.47 9.60 14.72
N ALA A 253 1.01 8.96 15.82
CA ALA A 253 1.94 8.67 16.92
C ALA A 253 2.63 7.32 16.63
N VAL A 254 3.88 7.19 17.03
CA VAL A 254 4.61 5.95 16.88
C VAL A 254 4.54 5.25 18.25
N PHE A 255 3.74 4.20 18.39
CA PHE A 255 3.48 3.58 19.70
C PHE A 255 4.47 2.49 19.94
N THR A 256 5.06 2.48 21.14
CA THR A 256 5.68 1.24 21.70
C THR A 256 4.64 0.24 22.21
N LYS A 257 5.09 -0.99 22.54
CA LYS A 257 4.17 -1.97 23.14
C LYS A 257 3.58 -1.47 24.44
N GLU A 258 4.41 -0.78 25.25
CA GLU A 258 4.03 -0.15 26.54
CA GLU A 258 3.90 -0.30 26.52
C GLU A 258 2.82 0.78 26.32
N GLU A 259 2.93 1.57 25.26
CA GLU A 259 1.93 2.57 24.90
C GLU A 259 0.66 1.92 24.39
N ILE A 260 0.82 0.88 23.57
CA ILE A 260 -0.35 0.05 23.18
C ILE A 260 -1.11 -0.46 24.37
N ALA A 261 -0.38 -1.02 25.33
CA ALA A 261 -1.06 -1.53 26.50
C ALA A 261 -1.81 -0.41 27.22
N HIS A 262 -1.18 0.78 27.34
CA HIS A 262 -1.84 1.81 28.13
C HIS A 262 -3.04 2.40 27.37
N TRP A 263 -2.84 2.66 26.07
CA TRP A 263 -3.87 3.42 25.34
C TRP A 263 -5.04 2.55 24.91
N PHE A 264 -4.87 1.22 24.89
CA PHE A 264 -5.92 0.33 24.39
C PHE A 264 -6.53 -0.65 25.36
N LEU A 265 -5.80 -1.10 26.40
CA LEU A 265 -6.43 -2.09 27.24
C LEU A 265 -7.74 -1.53 27.88
N PRO A 266 -8.81 -2.30 27.80
CA PRO A 266 -10.08 -1.64 28.21
C PRO A 266 -10.18 -1.19 29.63
N ILE A 267 -10.86 -0.05 29.79
CA ILE A 267 -11.21 0.45 31.13
C ILE A 267 -12.65 0.93 31.05
N GLU A 268 -13.51 0.32 31.83
CA GLU A 268 -14.93 0.64 31.79
CA GLU A 268 -14.93 0.66 31.83
C GLU A 268 -15.18 2.16 31.91
N ASN A 269 -16.07 2.68 31.03
CA ASN A 269 -16.39 4.13 31.03
C ASN A 269 -15.23 5.03 30.68
N VAL A 270 -14.20 4.45 30.05
CA VAL A 270 -13.02 5.24 29.61
C VAL A 270 -12.63 4.85 28.19
N ILE A 271 -12.13 3.64 28.03
CA ILE A 271 -11.57 3.21 26.72
C ILE A 271 -12.10 1.80 26.42
N TYR A 272 -12.63 1.62 25.20
CA TYR A 272 -13.18 0.32 24.79
C TYR A 272 -12.39 -0.11 23.54
N THR A 273 -11.71 -1.26 23.64
CA THR A 273 -11.02 -1.79 22.47
C THR A 273 -11.48 -3.24 22.25
N TYR A 274 -11.80 -3.59 21.00
CA TYR A 274 -12.23 -4.95 20.66
C TYR A 274 -11.32 -5.45 19.55
N VAL A 275 -11.14 -6.76 19.51
CA VAL A 275 -10.17 -7.35 18.53
C VAL A 275 -10.82 -8.57 17.95
N ASN A 276 -10.35 -8.94 16.77
CA ASN A 276 -10.72 -10.20 16.18
C ASN A 276 -9.43 -11.00 16.00
N GLU A 277 -9.36 -12.09 16.73
CA GLU A 277 -8.17 -12.94 16.73
C GLU A 277 -8.44 -14.17 15.84
N GLU A 278 -7.52 -14.46 14.94
CA GLU A 278 -7.59 -15.69 14.15
C GLU A 278 -6.23 -16.35 14.29
N ASN A 279 -6.17 -17.63 14.71
CA ASN A 279 -4.91 -18.38 14.88
CA ASN A 279 -4.85 -18.28 14.72
C ASN A 279 -3.91 -17.62 15.72
N GLY A 280 -4.40 -17.07 16.83
CA GLY A 280 -3.54 -16.34 17.73
C GLY A 280 -2.99 -15.02 17.17
N LYS A 281 -3.55 -14.54 16.03
CA LYS A 281 -3.14 -13.26 15.37
C LYS A 281 -4.25 -12.24 15.38
N ILE A 282 -3.93 -11.00 15.68
CA ILE A 282 -5.00 -10.00 15.77
C ILE A 282 -5.18 -9.46 14.33
N LYS A 283 -6.33 -9.68 13.69
CA LYS A 283 -6.51 -9.25 12.33
C LYS A 283 -7.42 -8.01 12.16
N ASP A 284 -8.15 -7.62 13.20
CA ASP A 284 -9.09 -6.47 13.06
C ASP A 284 -9.18 -5.86 14.45
N MET A 285 -9.29 -4.53 14.55
CA MET A 285 -9.55 -3.89 15.83
C MET A 285 -10.56 -2.75 15.73
N ILE A 286 -11.28 -2.51 16.82
CA ILE A 286 -12.18 -1.36 16.93
C ILE A 286 -11.81 -0.70 18.24
N SER A 287 -11.77 0.62 18.27
CA SER A 287 -11.62 1.33 19.63
C SER A 287 -12.33 2.66 19.66
N PHE A 288 -12.89 3.00 20.80
CA PHE A 288 -13.56 4.28 20.97
C PHE A 288 -13.44 4.60 22.44
N TYR A 289 -13.38 5.88 22.77
CA TYR A 289 -13.29 6.26 24.21
C TYR A 289 -14.63 6.93 24.59
N SER A 290 -14.86 7.00 25.91
CA SER A 290 -16.10 7.60 26.44
C SER A 290 -15.85 9.05 26.80
N LEU A 291 -16.63 10.01 26.23
CA LEU A 291 -16.48 11.40 26.60
C LEU A 291 -17.90 11.91 26.68
N PRO A 292 -18.45 11.91 27.90
CA PRO A 292 -19.84 12.41 27.98
C PRO A 292 -19.84 13.93 27.86
N SER A 293 -20.97 14.51 27.46
CA SER A 293 -21.17 15.94 27.62
C SER A 293 -22.28 16.17 28.64
N GLN A 294 -22.01 17.11 29.51
CA GLN A 294 -23.06 17.64 30.34
C GLN A 294 -24.02 18.47 29.44
N ILE A 295 -25.31 18.26 29.67
CA ILE A 295 -26.35 18.92 28.90
C ILE A 295 -26.75 20.14 29.76
N LEU A 296 -26.65 21.32 29.21
CA LEU A 296 -26.92 22.50 30.05
C LEU A 296 -28.43 22.90 29.93
N GLY A 297 -29.14 23.01 31.05
CA GLY A 297 -30.56 23.51 31.03
C GLY A 297 -31.63 22.65 30.32
N ASN A 298 -31.45 21.34 30.30
CA ASN A 298 -32.53 20.45 29.84
C ASN A 298 -33.17 19.87 31.11
N ASP A 299 -34.48 20.04 31.29
CA ASP A 299 -35.11 19.52 32.51
C ASP A 299 -34.95 18.01 32.58
N LYS A 300 -35.05 17.28 31.46
CA LYS A 300 -35.13 15.82 31.63
C LYS A 300 -33.79 15.14 31.75
N TYR A 301 -32.78 15.60 30.97
CA TYR A 301 -31.50 14.87 30.91
C TYR A 301 -30.34 15.77 31.34
N SER A 302 -29.37 15.21 32.05
CA SER A 302 -28.19 16.03 32.45
C SER A 302 -26.92 15.58 31.67
N THR A 303 -26.95 14.37 31.13
CA THR A 303 -25.74 13.79 30.49
C THR A 303 -26.00 13.22 29.14
N LEU A 304 -25.16 13.56 28.16
CA LEU A 304 -25.18 12.87 26.85
C LEU A 304 -24.00 11.88 26.88
N ASN A 305 -24.23 10.57 26.78
N ASN A 305 -24.26 10.59 26.65
CA ASN A 305 -23.11 9.65 26.70
CA ASN A 305 -23.22 9.58 26.66
C ASN A 305 -22.73 9.47 25.25
C ASN A 305 -22.73 9.33 25.24
N ALA A 306 -21.46 9.62 24.97
CA ALA A 306 -20.96 9.66 23.60
C ALA A 306 -19.69 8.84 23.53
N ALA A 307 -19.59 8.02 22.48
CA ALA A 307 -18.42 7.18 22.17
C ALA A 307 -17.72 7.88 21.04
N TYR A 308 -16.41 8.05 21.20
CA TYR A 308 -15.58 8.75 20.28
C TYR A 308 -14.65 7.76 19.57
N SER A 309 -14.90 7.59 18.25
CA SER A 309 -14.04 6.74 17.41
C SER A 309 -12.59 7.11 17.58
N PHE A 310 -11.73 6.10 17.85
CA PHE A 310 -10.35 6.31 18.22
C PHE A 310 -9.51 5.65 17.08
N TYR A 311 -9.16 4.38 17.19
CA TYR A 311 -8.41 3.68 16.13
C TYR A 311 -9.14 2.44 15.66
N ASN A 312 -9.36 2.31 14.35
CA ASN A 312 -10.09 1.16 13.80
C ASN A 312 -9.35 0.59 12.61
N VAL A 313 -9.09 -0.70 12.62
CA VAL A 313 -8.31 -1.32 11.48
C VAL A 313 -9.03 -2.63 11.10
N THR A 314 -9.21 -2.84 9.80
CA THR A 314 -9.73 -4.12 9.38
C THR A 314 -8.85 -4.77 8.27
N THR A 315 -8.60 -6.05 8.40
CA THR A 315 -7.99 -6.84 7.30
C THR A 315 -8.94 -7.97 6.82
N THR A 316 -10.04 -8.25 7.51
CA THR A 316 -10.89 -9.40 7.16
C THR A 316 -12.31 -8.98 6.73
N ALA A 317 -12.59 -7.68 6.73
CA ALA A 317 -13.95 -7.17 6.41
C ALA A 317 -13.74 -5.90 5.64
N THR A 318 -14.84 -5.23 5.20
CA THR A 318 -14.71 -3.89 4.62
C THR A 318 -14.72 -2.86 5.75
N PHE A 319 -14.16 -1.69 5.48
CA PHE A 319 -14.05 -0.69 6.53
C PHE A 319 -15.49 -0.33 6.96
N LYS A 320 -16.42 -0.32 6.00
CA LYS A 320 -17.83 -0.04 6.38
C LYS A 320 -18.39 -1.09 7.35
N GLN A 321 -18.07 -2.37 7.12
CA GLN A 321 -18.54 -3.41 8.00
CA GLN A 321 -18.52 -3.44 8.00
C GLN A 321 -17.92 -3.27 9.41
N LEU A 322 -16.64 -2.88 9.45
CA LEU A 322 -15.94 -2.70 10.71
C LEU A 322 -16.56 -1.56 11.54
N MET A 323 -16.87 -0.44 10.85
CA MET A 323 -17.43 0.72 11.56
C MET A 323 -18.88 0.48 11.96
N GLN A 324 -19.61 -0.31 11.15
CA GLN A 324 -20.93 -0.72 11.58
C GLN A 324 -20.88 -1.50 12.91
N ASP A 325 -19.93 -2.43 12.99
CA ASP A 325 -19.69 -3.11 14.25
C ASP A 325 -19.24 -2.20 15.37
N ALA A 326 -18.46 -1.17 15.06
CA ALA A 326 -18.06 -0.19 16.12
C ALA A 326 -19.35 0.49 16.64
N ILE A 327 -20.22 0.92 15.72
CA ILE A 327 -21.53 1.53 16.20
C ILE A 327 -22.31 0.57 17.08
N LEU A 328 -22.37 -0.71 16.67
CA LEU A 328 -23.12 -1.68 17.42
C LEU A 328 -22.50 -1.86 18.83
N LEU A 329 -21.18 -1.94 18.91
CA LEU A 329 -20.54 -2.18 20.19
C LEU A 329 -20.75 -0.96 21.11
N ALA A 330 -20.72 0.22 20.51
CA ALA A 330 -21.10 1.41 21.27
C ALA A 330 -22.53 1.30 21.76
N LYS A 331 -23.45 0.84 20.92
CA LYS A 331 -24.84 0.78 21.35
C LYS A 331 -24.94 -0.25 22.50
N ARG A 332 -24.24 -1.37 22.36
CA ARG A 332 -24.23 -2.36 23.41
C ARG A 332 -23.70 -1.85 24.73
N ASN A 333 -22.94 -0.77 24.71
CA ASN A 333 -22.39 -0.22 25.94
C ASN A 333 -23.11 1.03 26.43
N ASN A 334 -24.33 1.24 25.95
N ASN A 334 -24.33 1.20 25.90
CA ASN A 334 -25.19 2.28 26.52
CA ASN A 334 -25.27 2.23 26.32
C ASN A 334 -24.94 3.69 25.97
C ASN A 334 -24.79 3.66 26.06
N PHE A 335 -24.11 3.82 24.93
CA PHE A 335 -23.84 5.16 24.35
C PHE A 335 -25.02 5.66 23.54
N ASP A 336 -25.21 6.97 23.58
CA ASP A 336 -26.37 7.60 22.93
C ASP A 336 -26.03 7.97 21.51
N VAL A 337 -24.74 8.19 21.23
CA VAL A 337 -24.32 8.71 19.90
C VAL A 337 -22.86 8.22 19.71
N PHE A 338 -22.51 8.01 18.44
CA PHE A 338 -21.13 7.64 18.08
C PHE A 338 -20.53 8.75 17.24
N ASN A 339 -19.43 9.33 17.73
CA ASN A 339 -18.85 10.55 17.09
C ASN A 339 -17.57 10.13 16.41
N ALA A 340 -17.33 10.69 15.23
CA ALA A 340 -16.07 10.40 14.53
C ALA A 340 -15.58 11.64 13.77
N LEU A 341 -14.26 11.79 13.65
CA LEU A 341 -13.69 12.83 12.82
C LEU A 341 -13.46 12.26 11.41
N GLU A 342 -13.39 13.16 10.44
CA GLU A 342 -13.09 12.76 9.04
C GLU A 342 -11.59 12.54 8.84
N VAL A 343 -11.03 11.75 9.76
CA VAL A 343 -9.60 11.38 9.63
C VAL A 343 -9.48 9.96 9.15
N MET A 344 -8.27 9.60 8.70
CA MET A 344 -7.99 8.23 8.23
C MET A 344 -8.98 7.86 7.12
N GLN A 345 -9.60 6.68 7.18
CA GLN A 345 -10.59 6.31 6.14
C GLN A 345 -12.01 6.61 6.56
N ASN A 346 -12.20 7.40 7.60
CA ASN A 346 -13.56 7.50 8.19
C ASN A 346 -14.60 8.11 7.26
N LYS A 347 -14.21 9.14 6.52
CA LYS A 347 -15.23 9.91 5.80
CA LYS A 347 -15.23 9.91 5.79
C LYS A 347 -15.96 8.99 4.80
N SER A 348 -15.21 8.04 4.24
CA SER A 348 -15.77 7.09 3.24
C SER A 348 -16.97 6.32 3.72
N VAL A 349 -17.24 6.23 5.04
CA VAL A 349 -18.35 5.40 5.48
C VAL A 349 -19.50 6.23 6.05
N PHE A 350 -19.30 7.53 6.17
CA PHE A 350 -20.27 8.35 6.89
C PHE A 350 -21.65 8.34 6.21
N GLU A 351 -21.72 8.44 4.87
CA GLU A 351 -23.03 8.56 4.22
CA GLU A 351 -23.02 8.54 4.20
C GLU A 351 -23.77 7.23 4.37
N ASP A 352 -23.11 6.14 4.00
CA ASP A 352 -23.74 4.82 4.10
C ASP A 352 -24.16 4.41 5.52
N LEU A 353 -23.36 4.80 6.55
CA LEU A 353 -23.68 4.41 7.92
C LEU A 353 -24.57 5.47 8.64
N LYS A 354 -25.12 6.41 7.86
CA LYS A 354 -26.09 7.36 8.42
C LYS A 354 -25.52 8.31 9.45
N PHE A 355 -24.27 8.73 9.26
CA PHE A 355 -23.69 9.81 10.06
C PHE A 355 -24.22 11.14 9.56
N GLY A 356 -24.45 12.06 10.48
CA GLY A 356 -24.80 13.43 10.13
C GLY A 356 -23.61 14.33 10.37
N GLU A 357 -23.42 15.30 9.48
CA GLU A 357 -22.29 16.28 9.72
C GLU A 357 -22.58 17.16 10.94
N GLY A 358 -21.56 17.42 11.78
CA GLY A 358 -21.79 18.27 12.96
C GLY A 358 -21.62 19.74 12.63
N ASP A 359 -21.40 20.48 13.71
CA ASP A 359 -21.41 21.93 13.77
C ASP A 359 -20.09 22.60 13.51
N GLY A 360 -19.02 21.83 13.50
CA GLY A 360 -17.70 22.49 13.66
C GLY A 360 -16.63 21.52 13.27
N SER A 361 -15.40 21.94 13.53
CA SER A 361 -14.30 21.03 13.13
C SER A 361 -13.23 21.10 14.22
N LEU A 362 -12.35 20.11 14.19
CA LEU A 362 -11.16 20.11 15.07
C LEU A 362 -9.90 20.39 14.25
N LYS A 363 -9.19 21.49 14.60
CA LYS A 363 -7.94 21.88 13.97
C LYS A 363 -6.76 21.15 14.65
N TYR A 364 -5.84 20.58 13.83
CA TYR A 364 -4.63 19.97 14.37
C TYR A 364 -3.48 20.96 14.23
N TYR A 365 -2.65 21.11 15.26
CA TYR A 365 -1.57 22.09 15.24
C TYR A 365 -0.28 21.42 15.66
N LEU A 366 0.83 21.94 15.19
CA LEU A 366 2.14 21.62 15.76
C LEU A 366 2.78 22.91 16.19
N TYR A 367 3.55 22.77 17.25
CA TYR A 367 4.38 23.89 17.74
C TYR A 367 5.81 23.74 17.33
N ASN A 368 6.41 24.86 16.87
CA ASN A 368 7.78 24.83 16.37
C ASN A 368 8.07 23.78 15.27
N TRP A 369 7.17 23.73 14.29
CA TRP A 369 7.40 22.79 13.18
C TRP A 369 6.74 23.42 11.93
N LYS A 370 7.50 23.42 10.87
CA LYS A 370 7.12 24.06 9.62
C LYS A 370 6.95 22.89 8.62
N CYS A 371 5.81 22.82 7.93
CA CYS A 371 5.56 21.72 7.00
C CYS A 371 4.34 22.06 6.13
N ALA A 372 4.15 21.28 5.09
CA ALA A 372 2.97 21.40 4.23
C ALA A 372 1.71 20.97 5.04
N SER A 373 0.61 21.69 4.83
CA SER A 373 -0.69 21.26 5.43
C SER A 373 -1.27 20.17 4.52
N PHE A 374 -2.31 19.49 5.00
CA PHE A 374 -2.83 18.36 4.25
C PHE A 374 -4.27 18.11 4.66
N ALA A 375 -4.98 17.39 3.76
CA ALA A 375 -6.39 16.99 3.98
C ALA A 375 -6.49 16.02 5.17
N PRO A 376 -7.62 16.09 5.91
CA PRO A 376 -7.71 15.24 7.13
C PRO A 376 -7.71 13.70 6.90
N ALA A 377 -8.00 13.28 5.67
CA ALA A 377 -7.83 11.85 5.37
C ALA A 377 -6.38 11.40 5.59
N HIS A 378 -5.43 12.35 5.57
CA HIS A 378 -3.98 12.03 5.78
C HIS A 378 -3.54 12.13 7.26
N VAL A 379 -4.46 12.55 8.16
CA VAL A 379 -4.29 12.56 9.60
C VAL A 379 -4.59 11.16 10.13
N GLY A 380 -3.60 10.64 10.86
CA GLY A 380 -3.68 9.28 11.44
C GLY A 380 -3.38 9.35 12.93
N ILE A 381 -3.84 10.43 13.57
CA ILE A 381 -3.80 10.44 15.05
C ILE A 381 -5.12 11.06 15.54
N VAL A 382 -5.59 10.55 16.69
CA VAL A 382 -6.84 11.05 17.33
C VAL A 382 -6.49 11.40 18.79
N LEU A 383 -6.57 12.70 19.15
CA LEU A 383 -6.26 13.13 20.51
CA LEU A 383 -6.24 13.06 20.54
C LEU A 383 -7.50 12.92 21.41
N LEU A 384 -7.32 13.18 22.72
CA LEU A 384 -8.37 13.00 23.69
C LEU A 384 -9.16 14.24 23.96
N ASP B 1 -33.89 -2.39 -12.01
CA ASP B 1 -33.71 -3.86 -12.11
C ASP B 1 -32.44 -4.32 -12.86
N TYR B 2 -31.82 -3.44 -13.63
CA TYR B 2 -30.61 -3.74 -14.43
C TYR B 2 -30.66 -5.08 -15.17
N LYS B 3 -31.69 -5.25 -16.00
CA LYS B 3 -31.95 -6.48 -16.68
CA LYS B 3 -31.94 -6.51 -16.68
C LYS B 3 -30.78 -6.79 -17.61
N PHE B 4 -30.14 -5.75 -18.14
CA PHE B 4 -28.98 -6.06 -19.01
C PHE B 4 -27.73 -6.24 -18.18
N TRP B 5 -27.46 -5.24 -17.36
CA TRP B 5 -26.22 -5.25 -16.55
C TRP B 5 -26.10 -6.48 -15.67
N TYR B 6 -27.20 -7.02 -15.17
N TYR B 6 -27.22 -7.00 -15.16
CA TYR B 6 -27.07 -8.16 -14.29
CA TYR B 6 -27.22 -8.21 -14.32
C TYR B 6 -26.69 -9.46 -15.04
C TYR B 6 -26.68 -9.45 -15.05
N THR B 7 -26.70 -9.44 -16.37
CA THR B 7 -26.18 -10.57 -17.21
C THR B 7 -24.67 -10.49 -17.46
N GLN B 8 -24.08 -9.36 -17.04
CA GLN B 8 -22.67 -9.07 -17.31
C GLN B 8 -21.76 -9.34 -16.10
N PRO B 9 -20.44 -9.58 -16.33
CA PRO B 9 -19.50 -9.85 -15.20
C PRO B 9 -19.13 -8.51 -14.54
N VAL B 10 -20.07 -7.97 -13.75
CA VAL B 10 -19.89 -6.72 -13.00
C VAL B 10 -20.55 -6.98 -11.62
N PRO B 11 -20.28 -6.15 -10.65
CA PRO B 11 -20.86 -6.44 -9.30
C PRO B 11 -22.36 -6.21 -9.32
N LYS B 12 -23.08 -6.99 -8.52
CA LYS B 12 -24.48 -6.71 -8.21
C LYS B 12 -24.54 -5.42 -7.36
N ILE B 13 -25.66 -4.70 -7.41
CA ILE B 13 -25.80 -3.47 -6.64
C ILE B 13 -25.38 -3.59 -5.15
N ASN B 14 -25.56 -4.77 -4.57
CA ASN B 14 -25.25 -4.92 -3.14
C ASN B 14 -23.92 -5.59 -2.85
N ASP B 15 -23.13 -5.84 -3.88
CA ASP B 15 -21.82 -6.47 -3.68
C ASP B 15 -20.84 -5.52 -3.01
N GLU B 16 -20.14 -6.01 -2.00
CA GLU B 16 -19.08 -5.19 -1.43
CA GLU B 16 -19.15 -5.21 -1.26
C GLU B 16 -17.95 -6.13 -1.11
N PHE B 17 -16.78 -5.72 -1.56
CA PHE B 17 -15.60 -6.58 -1.46
C PHE B 17 -14.55 -6.00 -0.57
N ASN B 18 -13.87 -6.86 0.19
CA ASN B 18 -12.69 -6.53 0.99
CA ASN B 18 -12.81 -6.24 0.95
C ASN B 18 -11.50 -6.07 0.16
N GLU B 19 -10.57 -5.37 0.78
CA GLU B 19 -9.47 -4.82 0.04
C GLU B 19 -8.55 -5.88 -0.52
N SER B 20 -8.59 -7.05 0.05
CA SER B 20 -7.74 -8.11 -0.46
C SER B 20 -8.28 -8.77 -1.74
N VAL B 21 -9.53 -8.50 -2.12
CA VAL B 21 -10.14 -9.10 -3.31
C VAL B 21 -9.79 -8.16 -4.46
N ASN B 22 -9.12 -8.70 -5.49
CA ASN B 22 -8.68 -7.84 -6.61
C ASN B 22 -8.47 -8.80 -7.75
N GLU B 23 -9.52 -9.13 -8.50
CA GLU B 23 -9.37 -10.20 -9.49
C GLU B 23 -10.54 -10.18 -10.48
N PRO B 24 -10.43 -10.90 -11.56
CA PRO B 24 -11.65 -10.92 -12.44
C PRO B 24 -12.91 -11.56 -11.86
N PHE B 25 -14.10 -11.21 -12.35
CA PHE B 25 -15.25 -12.07 -12.12
C PHE B 25 -15.16 -13.39 -12.90
N ILE B 26 -14.71 -13.35 -14.13
CA ILE B 26 -14.53 -14.55 -14.92
C ILE B 26 -13.07 -14.59 -15.43
N SER B 27 -12.33 -15.66 -15.10
CA SER B 27 -10.98 -15.88 -15.58
C SER B 27 -10.88 -17.00 -16.60
N ASP B 28 -9.69 -17.20 -17.12
CA ASP B 28 -9.51 -18.33 -18.07
C ASP B 28 -10.32 -18.21 -19.33
N ASN B 29 -10.56 -16.97 -19.77
CA ASN B 29 -11.22 -16.69 -21.05
C ASN B 29 -10.33 -17.11 -22.26
N LYS B 30 -11.00 -17.52 -23.34
CA LYS B 30 -10.34 -18.01 -24.51
C LYS B 30 -10.77 -17.24 -25.74
N VAL B 31 -9.80 -16.63 -26.43
CA VAL B 31 -10.08 -16.00 -27.73
C VAL B 31 -10.81 -16.90 -28.73
N GLU B 32 -10.39 -18.18 -28.73
CA GLU B 32 -10.92 -19.23 -29.63
C GLU B 32 -12.41 -19.39 -29.48
N ASP B 33 -12.90 -19.11 -28.26
CA ASP B 33 -14.31 -19.31 -27.97
C ASP B 33 -15.19 -18.08 -28.20
N VAL B 34 -14.59 -16.91 -28.34
CA VAL B 34 -15.36 -15.69 -28.59
C VAL B 34 -16.23 -15.76 -29.83
N ARG B 35 -17.42 -15.18 -29.74
CA ARG B 35 -18.32 -15.17 -30.91
C ARG B 35 -17.65 -14.50 -32.11
N LYS B 36 -17.67 -15.17 -33.27
CA LYS B 36 -17.08 -14.54 -34.44
C LYS B 36 -18.09 -13.79 -35.28
N ASP B 37 -19.39 -13.93 -34.93
CA ASP B 37 -20.45 -13.18 -35.63
C ASP B 37 -20.80 -11.85 -34.95
N GLU B 38 -20.97 -10.79 -35.74
CA GLU B 38 -21.48 -9.51 -35.19
C GLU B 38 -22.82 -9.68 -34.56
N TYR B 39 -23.09 -8.94 -33.49
CA TYR B 39 -24.39 -8.95 -32.87
C TYR B 39 -25.43 -8.41 -33.87
N LYS B 40 -26.66 -8.93 -33.75
CA LYS B 40 -27.71 -8.57 -34.68
C LYS B 40 -28.29 -7.25 -34.26
N LEU B 41 -28.59 -6.41 -35.28
CA LEU B 41 -29.25 -5.17 -35.06
C LEU B 41 -30.69 -5.28 -35.57
N PRO B 42 -31.53 -4.32 -35.18
CA PRO B 42 -32.88 -4.38 -35.75
C PRO B 42 -32.94 -4.13 -37.23
N PRO B 43 -34.01 -4.60 -37.87
CA PRO B 43 -34.11 -4.38 -39.32
C PRO B 43 -33.83 -2.91 -39.80
N GLY B 44 -33.02 -2.77 -40.83
CA GLY B 44 -32.70 -1.51 -41.47
C GLY B 44 -31.54 -0.77 -40.85
N TYR B 45 -30.87 -1.42 -39.89
CA TYR B 45 -29.66 -0.82 -39.29
C TYR B 45 -28.47 -1.70 -39.58
N SER B 46 -27.31 -1.10 -39.71
CA SER B 46 -26.09 -1.84 -40.01
CA SER B 46 -26.10 -1.87 -39.98
C SER B 46 -24.92 -1.33 -39.22
N TRP B 47 -24.01 -2.26 -38.84
CA TRP B 47 -22.70 -1.82 -38.31
C TRP B 47 -21.93 -1.07 -39.39
N TYR B 48 -21.17 -0.06 -38.97
CA TYR B 48 -20.35 0.71 -39.86
C TYR B 48 -18.92 0.77 -39.28
N VAL B 49 -17.93 0.55 -40.14
CA VAL B 49 -16.54 0.62 -39.75
C VAL B 49 -16.13 2.11 -39.78
N CYS B 50 -16.09 2.82 -38.65
CA CYS B 50 -15.75 4.27 -38.70
C CYS B 50 -14.24 4.43 -38.84
N ASP B 51 -13.72 5.11 -39.87
CA ASP B 51 -12.29 5.37 -39.94
C ASP B 51 -12.07 6.78 -39.41
N VAL B 52 -11.61 6.90 -38.17
CA VAL B 52 -11.61 8.23 -37.54
CA VAL B 52 -11.55 8.20 -37.48
C VAL B 52 -10.57 9.16 -38.19
N LYS B 53 -9.59 8.58 -38.90
CA LYS B 53 -8.67 9.40 -39.67
C LYS B 53 -9.24 9.94 -40.94
N ASP B 54 -10.38 9.40 -41.38
CA ASP B 54 -11.06 9.89 -42.59
C ASP B 54 -11.96 11.05 -42.22
N GLU B 55 -11.76 12.19 -42.89
CA GLU B 55 -12.43 13.40 -42.53
C GLU B 55 -13.96 13.27 -42.60
N LYS B 56 -14.46 12.58 -43.62
CA LYS B 56 -15.87 12.31 -43.71
C LYS B 56 -16.48 11.48 -42.54
N ASP B 57 -15.86 10.32 -42.26
CA ASP B 57 -16.31 9.44 -41.14
C ASP B 57 -16.22 10.23 -39.85
N ARG B 58 -15.11 10.96 -39.68
CA ARG B 58 -14.95 11.75 -38.45
C ARG B 58 -16.02 12.83 -38.36
N SER B 59 -16.38 13.49 -39.50
CA SER B 59 -17.41 14.49 -39.39
C SER B 59 -18.77 13.90 -39.04
N GLU B 60 -19.06 12.68 -39.46
CA GLU B 60 -20.34 12.05 -39.07
C GLU B 60 -20.37 11.72 -37.60
N ILE B 61 -19.23 11.30 -37.05
CA ILE B 61 -19.19 11.07 -35.58
C ILE B 61 -19.39 12.38 -34.86
N TYR B 62 -18.70 13.42 -35.34
CA TYR B 62 -18.82 14.75 -34.74
C TYR B 62 -20.29 15.20 -34.70
N THR B 63 -21.00 15.08 -35.84
CA THR B 63 -22.39 15.49 -35.87
C THR B 63 -23.27 14.69 -34.96
N LEU B 64 -23.08 13.36 -34.96
CA LEU B 64 -23.81 12.50 -34.00
C LEU B 64 -23.66 13.03 -32.56
N LEU B 65 -22.41 13.24 -32.15
CA LEU B 65 -22.20 13.59 -30.76
C LEU B 65 -22.65 15.02 -30.46
N THR B 66 -22.40 15.96 -31.39
CA THR B 66 -22.83 17.36 -31.21
C THR B 66 -24.30 17.41 -30.96
N ASP B 67 -25.03 16.58 -31.71
CA ASP B 67 -26.51 16.61 -31.52
C ASP B 67 -27.08 15.72 -30.42
N ASN B 68 -26.38 14.65 -30.01
CA ASN B 68 -27.03 13.62 -29.22
C ASN B 68 -26.25 13.16 -27.99
N TYR B 69 -25.07 13.78 -27.74
CA TYR B 69 -24.26 13.31 -26.58
C TYR B 69 -24.70 13.89 -25.23
N VAL B 70 -23.85 13.78 -24.23
CA VAL B 70 -24.21 14.03 -22.84
C VAL B 70 -24.66 15.45 -22.56
N GLU B 71 -25.82 15.60 -21.88
CA GLU B 71 -26.25 16.92 -21.38
C GLU B 71 -26.19 16.94 -19.87
N ASP B 72 -26.04 18.14 -19.29
CA ASP B 72 -26.15 18.24 -17.81
C ASP B 72 -27.60 17.91 -17.42
N ASP B 73 -27.84 17.67 -16.11
CA ASP B 73 -29.18 17.28 -15.60
C ASP B 73 -30.27 18.26 -15.98
N ASP B 74 -29.89 19.53 -16.12
CA ASP B 74 -30.85 20.60 -16.42
C ASP B 74 -31.10 20.77 -17.92
N ASN B 75 -30.38 20.02 -18.75
CA ASN B 75 -30.49 20.12 -20.21
C ASN B 75 -30.24 21.55 -20.79
N ILE B 76 -29.32 22.25 -20.16
CA ILE B 76 -28.84 23.60 -20.50
C ILE B 76 -27.58 23.49 -21.38
N PHE B 77 -26.77 22.47 -21.09
CA PHE B 77 -25.51 22.27 -21.88
C PHE B 77 -25.45 20.89 -22.46
N ARG B 78 -24.73 20.76 -23.57
CA ARG B 78 -24.43 19.42 -24.21
C ARG B 78 -22.97 19.44 -24.63
N PHE B 79 -22.22 18.39 -24.26
CA PHE B 79 -20.84 18.34 -24.67
C PHE B 79 -20.73 18.52 -26.17
N ASN B 80 -19.65 19.24 -26.60
CA ASN B 80 -19.46 19.52 -28.03
C ASN B 80 -17.99 19.25 -28.33
N TYR B 81 -17.57 18.00 -28.18
CA TYR B 81 -16.19 17.59 -28.51
C TYR B 81 -15.89 17.99 -29.93
N SER B 82 -14.72 18.60 -30.16
CA SER B 82 -14.36 18.99 -31.55
C SER B 82 -13.89 17.77 -32.33
N ALA B 83 -13.91 17.90 -33.65
CA ALA B 83 -13.50 16.79 -34.51
C ALA B 83 -12.02 16.51 -34.27
N GLU B 84 -11.22 17.56 -33.99
CA GLU B 84 -9.81 17.33 -33.76
C GLU B 84 -9.63 16.62 -32.38
N PHE B 85 -10.48 16.91 -31.40
CA PHE B 85 -10.37 16.22 -30.11
C PHE B 85 -10.68 14.76 -30.34
N LEU B 86 -11.66 14.47 -31.18
CA LEU B 86 -12.10 13.08 -31.35
C LEU B 86 -10.97 12.30 -32.02
N LEU B 87 -10.32 12.90 -32.99
CA LEU B 87 -9.12 12.29 -33.65
C LEU B 87 -8.07 11.97 -32.55
N TRP B 88 -7.73 12.94 -31.71
CA TRP B 88 -6.76 12.70 -30.65
C TRP B 88 -7.18 11.59 -29.63
N ALA B 89 -8.42 11.67 -29.13
CA ALA B 89 -8.95 10.72 -28.19
C ALA B 89 -8.95 9.26 -28.70
N LEU B 90 -9.02 9.05 -30.01
CA LEU B 90 -9.38 7.70 -30.50
C LEU B 90 -8.16 7.10 -31.24
N THR B 91 -7.08 7.87 -31.48
CA THR B 91 -5.92 7.32 -32.24
C THR B 91 -4.64 7.25 -31.44
N SER B 92 -4.80 6.93 -30.15
CA SER B 92 -3.68 6.77 -29.23
C SER B 92 -2.87 5.53 -29.62
N PRO B 93 -1.68 5.36 -29.04
CA PRO B 93 -0.79 4.29 -29.55
C PRO B 93 -1.40 2.85 -29.51
N ASN B 94 -1.19 2.10 -30.58
CA ASN B 94 -1.70 0.77 -30.72
C ASN B 94 -3.24 0.73 -30.74
N TYR B 95 -3.89 1.84 -31.07
CA TYR B 95 -5.37 1.77 -31.19
C TYR B 95 -5.82 0.76 -32.26
N LEU B 96 -7.01 0.25 -32.05
CA LEU B 96 -7.64 -0.71 -32.96
C LEU B 96 -8.74 -0.01 -33.73
N LYS B 97 -8.65 -0.07 -35.06
CA LYS B 97 -9.72 0.51 -35.87
CA LYS B 97 -9.70 0.43 -35.93
C LYS B 97 -11.05 -0.27 -35.66
N THR B 98 -10.96 -1.55 -35.28
CA THR B 98 -12.15 -2.39 -35.10
C THR B 98 -12.93 -1.92 -33.89
N TRP B 99 -12.29 -1.10 -33.02
CA TRP B 99 -12.98 -0.65 -31.79
C TRP B 99 -13.60 0.73 -31.92
N HIS B 100 -13.78 1.23 -33.16
CA HIS B 100 -14.46 2.50 -33.39
C HIS B 100 -15.69 2.15 -34.21
N ILE B 101 -16.84 2.05 -33.52
CA ILE B 101 -17.96 1.24 -34.05
C ILE B 101 -19.15 2.15 -34.29
N GLY B 102 -19.61 2.30 -35.56
CA GLY B 102 -20.77 3.08 -35.75
C GLY B 102 -21.99 2.20 -36.10
N VAL B 103 -23.19 2.78 -35.94
CA VAL B 103 -24.41 2.07 -36.46
C VAL B 103 -25.09 3.07 -37.40
N LYS B 104 -25.46 2.61 -38.59
CA LYS B 104 -26.20 3.49 -39.54
C LYS B 104 -27.62 3.00 -39.80
N TYR B 105 -28.51 3.93 -40.11
CA TYR B 105 -29.82 3.58 -40.65
C TYR B 105 -29.62 3.51 -42.16
N ASP B 106 -29.86 2.34 -42.75
CA ASP B 106 -29.45 2.04 -44.11
C ASP B 106 -30.20 2.96 -45.10
N ALA B 107 -31.41 3.34 -44.76
CA ALA B 107 -32.23 4.01 -45.76
C ALA B 107 -31.70 5.42 -46.03
N SER B 108 -31.23 6.07 -44.95
CA SER B 108 -30.79 7.45 -45.00
C SER B 108 -29.30 7.53 -45.02
N ASN B 109 -28.60 6.42 -44.79
CA ASN B 109 -27.15 6.39 -44.72
C ASN B 109 -26.65 7.36 -43.63
N LYS B 110 -27.43 7.52 -42.57
CA LYS B 110 -27.00 8.39 -41.44
C LYS B 110 -26.44 7.62 -40.22
N LEU B 111 -25.43 8.21 -39.60
CA LEU B 111 -24.91 7.64 -38.35
C LEU B 111 -25.86 7.87 -37.18
N ILE B 112 -26.39 6.79 -36.61
CA ILE B 112 -27.35 6.94 -35.50
C ILE B 112 -26.83 6.33 -34.13
N GLY B 113 -25.68 5.69 -34.18
CA GLY B 113 -25.10 5.19 -32.91
C GLY B 113 -23.59 5.09 -33.05
N PHE B 114 -22.90 5.10 -31.91
CA PHE B 114 -21.46 5.00 -31.95
C PHE B 114 -21.01 4.47 -30.56
N ILE B 115 -19.89 3.76 -30.53
CA ILE B 115 -19.23 3.41 -29.26
C ILE B 115 -17.78 3.22 -29.63
N SER B 116 -16.85 3.52 -28.71
CA SER B 116 -15.46 3.37 -29.03
C SER B 116 -14.72 2.84 -27.81
N ALA B 117 -13.51 2.36 -28.07
CA ALA B 117 -12.57 2.04 -27.00
C ALA B 117 -11.14 2.24 -27.50
N ILE B 118 -10.21 2.48 -26.55
CA ILE B 118 -8.79 2.41 -26.93
C ILE B 118 -8.09 1.54 -25.87
N PRO B 119 -7.02 0.88 -26.22
CA PRO B 119 -6.34 0.01 -25.23
C PRO B 119 -5.38 0.79 -24.33
N THR B 120 -5.32 0.41 -23.05
CA THR B 120 -4.38 1.07 -22.14
CA THR B 120 -4.46 1.12 -22.10
C THR B 120 -4.13 0.09 -21.00
N ASP B 121 -2.96 0.22 -20.39
CA ASP B 121 -2.64 -0.61 -19.22
CA ASP B 121 -2.63 -0.62 -19.24
C ASP B 121 -3.18 0.12 -18.00
N ILE B 122 -3.96 -0.57 -17.20
CA ILE B 122 -4.59 0.07 -16.02
C ILE B 122 -4.05 -0.68 -14.77
N CYS B 123 -3.57 0.08 -13.80
CA CYS B 123 -3.15 -0.46 -12.52
C CYS B 123 -4.32 -0.24 -11.52
N ILE B 124 -4.92 -1.32 -11.00
CA ILE B 124 -6.05 -1.26 -10.01
C ILE B 124 -5.52 -2.04 -8.77
N HIS B 125 -5.41 -1.32 -7.64
CA HIS B 125 -4.90 -1.89 -6.36
CA HIS B 125 -4.93 -1.92 -6.39
C HIS B 125 -3.61 -2.67 -6.65
N LYS B 126 -2.70 -1.99 -7.34
CA LYS B 126 -1.33 -2.46 -7.62
C LYS B 126 -1.21 -3.61 -8.58
N ARG B 127 -2.28 -4.12 -9.21
CA ARG B 127 -2.15 -5.08 -10.27
C ARG B 127 -2.35 -4.33 -11.63
N THR B 128 -1.44 -4.57 -12.55
CA THR B 128 -1.56 -3.99 -13.91
C THR B 128 -2.16 -4.94 -14.93
N ILE B 129 -3.23 -4.47 -15.56
CA ILE B 129 -4.06 -5.31 -16.43
C ILE B 129 -4.28 -4.54 -17.73
N LYS B 130 -4.13 -5.23 -18.87
CA LYS B 130 -4.42 -4.60 -20.18
CA LYS B 130 -4.42 -4.62 -20.18
C LYS B 130 -5.92 -4.45 -20.28
N MET B 131 -6.39 -3.22 -20.51
CA MET B 131 -7.84 -2.97 -20.50
C MET B 131 -8.29 -2.18 -21.73
N ALA B 132 -9.58 -2.21 -22.06
CA ALA B 132 -10.07 -1.23 -23.05
C ALA B 132 -10.63 -0.06 -22.28
N GLU B 133 -10.41 1.18 -22.75
CA GLU B 133 -11.09 2.32 -22.13
C GLU B 133 -12.18 2.75 -23.08
N VAL B 134 -13.43 2.66 -22.61
CA VAL B 134 -14.65 2.76 -23.45
C VAL B 134 -15.16 4.20 -23.32
N ASN B 135 -15.56 4.81 -24.45
CA ASN B 135 -16.03 6.19 -24.35
C ASN B 135 -16.90 6.46 -25.57
N PHE B 136 -17.60 7.60 -25.53
CA PHE B 136 -18.44 8.12 -26.65
C PHE B 136 -19.58 7.16 -27.05
N LEU B 137 -20.07 6.35 -26.11
CA LEU B 137 -21.29 5.58 -26.41
C LEU B 137 -22.44 6.62 -26.65
N CYS B 138 -23.18 6.47 -27.75
CA CYS B 138 -24.19 7.48 -28.07
C CYS B 138 -25.22 6.85 -29.00
N VAL B 139 -26.50 6.98 -28.62
CA VAL B 139 -27.60 6.62 -29.55
C VAL B 139 -28.41 7.91 -29.86
N HIS B 140 -28.84 8.01 -31.11
CA HIS B 140 -29.55 9.20 -31.58
C HIS B 140 -30.74 9.44 -30.66
N LYS B 141 -31.03 10.71 -30.35
CA LYS B 141 -32.11 11.02 -29.45
C LYS B 141 -33.48 10.44 -29.92
N THR B 142 -33.64 10.26 -31.21
CA THR B 142 -34.92 9.74 -31.78
C THR B 142 -35.10 8.22 -31.57
N LEU B 143 -34.06 7.57 -31.07
CA LEU B 143 -34.06 6.12 -31.02
C LEU B 143 -33.73 5.65 -29.62
N ARG B 144 -33.98 6.51 -28.63
CA ARG B 144 -33.72 6.17 -27.22
C ARG B 144 -34.67 5.13 -26.64
N SER B 145 -34.20 4.39 -25.63
CA SER B 145 -34.98 3.39 -24.93
C SER B 145 -35.49 2.26 -25.78
N LYS B 146 -34.74 1.88 -26.83
CA LYS B 146 -35.08 0.78 -27.68
C LYS B 146 -34.07 -0.39 -27.45
N ARG B 147 -33.26 -0.36 -26.38
CA ARG B 147 -32.32 -1.46 -26.10
C ARG B 147 -31.24 -1.54 -27.21
N LEU B 148 -30.92 -0.42 -27.84
CA LEU B 148 -29.77 -0.43 -28.74
C LEU B 148 -28.45 -0.39 -27.98
N ALA B 149 -28.41 0.31 -26.86
CA ALA B 149 -27.09 0.47 -26.14
C ALA B 149 -26.51 -0.89 -25.70
N PRO B 150 -27.36 -1.84 -25.23
CA PRO B 150 -26.71 -3.11 -24.89
C PRO B 150 -26.14 -3.82 -26.16
N VAL B 151 -26.73 -3.56 -27.34
CA VAL B 151 -26.15 -4.20 -28.54
C VAL B 151 -24.74 -3.63 -28.82
N LEU B 152 -24.61 -2.29 -28.76
CA LEU B 152 -23.32 -1.63 -28.92
CA LEU B 152 -23.33 -1.61 -28.92
C LEU B 152 -22.30 -2.13 -27.92
N ILE B 153 -22.76 -2.33 -26.68
CA ILE B 153 -21.88 -2.74 -25.56
C ILE B 153 -21.41 -4.20 -25.80
N LYS B 154 -22.33 -5.07 -26.18
CA LYS B 154 -21.95 -6.48 -26.38
C LYS B 154 -21.02 -6.56 -27.60
N GLU B 155 -21.30 -5.77 -28.65
CA GLU B 155 -20.47 -5.87 -29.82
C GLU B 155 -19.06 -5.35 -29.61
N ILE B 156 -18.93 -4.26 -28.87
CA ILE B 156 -17.59 -3.79 -28.58
C ILE B 156 -16.86 -4.78 -27.65
N THR B 157 -17.61 -5.40 -26.72
CA THR B 157 -16.99 -6.39 -25.80
C THR B 157 -16.44 -7.54 -26.65
N ARG B 158 -17.26 -7.97 -27.65
CA ARG B 158 -16.85 -9.05 -28.53
C ARG B 158 -15.51 -8.68 -29.23
N ARG B 159 -15.44 -7.49 -29.82
CA ARG B 159 -14.23 -7.10 -30.59
C ARG B 159 -12.98 -6.92 -29.71
N ILE B 160 -13.19 -6.51 -28.47
CA ILE B 160 -12.11 -6.33 -27.51
C ILE B 160 -11.63 -7.71 -27.05
N ASN B 161 -12.57 -8.63 -26.80
CA ASN B 161 -12.18 -9.99 -26.42
C ASN B 161 -11.37 -10.69 -27.54
N LEU B 162 -11.60 -10.32 -28.79
CA LEU B 162 -10.81 -10.89 -29.91
C LEU B 162 -9.35 -10.43 -29.91
N GLU B 163 -9.02 -9.41 -29.10
CA GLU B 163 -7.61 -8.99 -28.87
C GLU B 163 -7.09 -9.57 -27.52
N ASN B 164 -7.75 -10.59 -26.99
CA ASN B 164 -7.39 -11.20 -25.73
C ASN B 164 -7.37 -10.23 -24.56
N ILE B 165 -8.36 -9.32 -24.56
CA ILE B 165 -8.49 -8.32 -23.49
C ILE B 165 -9.88 -8.57 -22.92
N TRP B 166 -9.95 -8.65 -21.59
CA TRP B 166 -11.16 -9.15 -20.90
C TRP B 166 -11.63 -8.19 -19.82
N GLN B 167 -10.97 -7.02 -19.69
CA GLN B 167 -11.44 -6.04 -18.69
C GLN B 167 -11.57 -4.70 -19.38
N ALA B 168 -12.37 -3.79 -18.83
CA ALA B 168 -12.41 -2.47 -19.41
C ALA B 168 -12.68 -1.48 -18.28
N ILE B 169 -12.37 -0.23 -18.55
CA ILE B 169 -12.67 0.89 -17.63
C ILE B 169 -13.51 1.92 -18.36
N TYR B 170 -14.45 2.52 -17.64
CA TYR B 170 -15.37 3.49 -18.26
C TYR B 170 -15.92 4.37 -17.15
N THR B 171 -16.40 5.55 -17.50
CA THR B 171 -17.01 6.47 -16.51
C THR B 171 -18.39 6.81 -16.98
N ALA B 172 -19.32 7.15 -16.08
CA ALA B 172 -20.59 7.67 -16.54
C ALA B 172 -21.11 8.55 -15.42
N GLY B 173 -21.99 9.48 -15.80
CA GLY B 173 -22.71 10.26 -14.80
C GLY B 173 -23.86 9.49 -14.22
N VAL B 174 -24.37 8.49 -14.93
CA VAL B 174 -25.48 7.67 -14.40
C VAL B 174 -24.94 6.58 -13.46
N TYR B 175 -25.74 6.20 -12.48
CA TYR B 175 -25.40 5.09 -11.63
C TYR B 175 -25.73 3.77 -12.27
N LEU B 176 -24.76 2.87 -12.35
CA LEU B 176 -24.85 1.51 -12.95
C LEU B 176 -24.21 0.58 -11.96
N PRO B 177 -24.49 -0.72 -12.06
CA PRO B 177 -23.71 -1.70 -11.26
C PRO B 177 -22.27 -1.85 -11.70
N LYS B 178 -21.29 -1.50 -10.86
CA LYS B 178 -21.40 -0.77 -9.57
C LYS B 178 -20.09 0.06 -9.51
N PRO B 179 -20.15 1.35 -9.08
CA PRO B 179 -18.92 2.15 -9.18
C PRO B 179 -17.81 1.58 -8.27
N VAL B 180 -16.56 1.73 -8.73
CA VAL B 180 -15.38 1.54 -7.87
CA VAL B 180 -15.39 1.52 -7.89
C VAL B 180 -15.10 2.83 -7.15
N SER B 181 -15.56 3.95 -7.73
CA SER B 181 -15.38 5.29 -7.05
C SER B 181 -16.32 6.30 -7.72
N ASP B 182 -16.58 7.44 -7.08
CA ASP B 182 -17.61 8.40 -7.56
C ASP B 182 -17.04 9.73 -7.21
N ALA B 183 -16.80 10.57 -8.20
CA ALA B 183 -16.09 11.87 -7.98
C ALA B 183 -16.93 13.00 -8.44
N ARG B 184 -17.30 13.87 -7.53
CA ARG B 184 -17.96 15.10 -7.96
C ARG B 184 -17.06 16.00 -8.80
N TYR B 185 -17.66 16.77 -9.73
CA TYR B 185 -16.93 17.89 -10.34
C TYR B 185 -17.21 19.21 -9.67
N TYR B 186 -16.21 20.07 -9.75
CA TYR B 186 -16.24 21.42 -9.23
C TYR B 186 -15.77 22.36 -10.31
N HIS B 187 -16.13 23.63 -10.16
CA HIS B 187 -15.98 24.62 -11.26
C HIS B 187 -15.33 25.89 -10.72
N ARG B 188 -14.31 26.39 -11.41
CA ARG B 188 -13.74 27.68 -11.01
C ARG B 188 -14.04 28.68 -12.14
N SER B 189 -14.87 29.66 -11.85
CA SER B 189 -15.30 30.65 -12.86
C SER B 189 -14.10 31.43 -13.30
N ILE B 190 -13.97 31.66 -14.60
CA ILE B 190 -12.94 32.59 -15.10
C ILE B 190 -13.64 33.82 -15.73
N ASN B 191 -14.54 33.60 -16.68
CA ASN B 191 -15.35 34.65 -17.34
C ASN B 191 -16.70 34.69 -16.65
N VAL B 192 -16.68 35.42 -15.54
CA VAL B 192 -17.75 35.44 -14.56
C VAL B 192 -19.08 35.93 -15.17
N LYS B 193 -19.03 37.07 -15.87
CA LYS B 193 -20.25 37.62 -16.44
C LYS B 193 -20.95 36.66 -17.44
N LYS B 194 -20.16 36.07 -18.34
CA LYS B 194 -20.71 35.06 -19.23
C LYS B 194 -21.36 33.94 -18.46
N LEU B 195 -20.65 33.36 -17.50
CA LEU B 195 -21.24 32.29 -16.72
C LEU B 195 -22.60 32.64 -16.02
N ILE B 196 -22.69 33.88 -15.48
CA ILE B 196 -23.96 34.40 -14.91
CA ILE B 196 -23.97 34.34 -14.91
C ILE B 196 -25.05 34.49 -15.98
N GLU B 197 -24.70 35.12 -17.09
CA GLU B 197 -25.65 35.34 -18.17
C GLU B 197 -26.21 34.03 -18.78
N ILE B 198 -25.42 32.94 -18.76
CA ILE B 198 -25.98 31.65 -19.30
C ILE B 198 -26.63 30.77 -18.21
N GLY B 199 -26.65 31.29 -16.98
CA GLY B 199 -27.17 30.54 -15.83
C GLY B 199 -26.31 29.33 -15.43
N PHE B 200 -25.01 29.40 -15.64
CA PHE B 200 -24.09 28.37 -15.12
C PHE B 200 -23.89 28.80 -13.64
N SER B 201 -23.57 30.08 -13.40
CA SER B 201 -23.40 30.58 -12.01
C SER B 201 -24.53 31.51 -11.63
N SER B 202 -24.52 31.95 -10.37
CA SER B 202 -25.60 32.72 -9.75
CA SER B 202 -25.59 32.75 -9.79
C SER B 202 -25.10 33.98 -9.02
N LEU B 203 -25.92 35.03 -9.04
CA LEU B 203 -25.69 36.22 -8.18
C LEU B 203 -26.61 36.20 -6.93
N ASN B 204 -26.51 37.24 -6.10
N ASN B 204 -26.31 37.09 -5.96
CA ASN B 204 -27.32 37.34 -4.92
CA ASN B 204 -27.06 37.27 -4.69
C ASN B 204 -27.15 38.76 -4.37
C ASN B 204 -27.15 38.78 -4.39
N SER B 205 -28.00 39.16 -3.43
CA SER B 205 -28.02 40.55 -2.96
CA SER B 205 -28.03 40.56 -2.92
C SER B 205 -26.64 40.98 -2.40
N ARG B 206 -25.91 40.02 -1.80
CA ARG B 206 -24.50 40.22 -1.41
C ARG B 206 -23.60 40.21 -2.64
N LEU B 207 -23.76 39.19 -3.47
CA LEU B 207 -22.83 39.02 -4.58
C LEU B 207 -23.47 39.67 -5.83
N THR B 208 -23.26 40.97 -5.96
CA THR B 208 -23.66 41.66 -7.20
C THR B 208 -22.71 41.35 -8.33
N MET B 209 -23.05 41.76 -9.54
CA MET B 209 -22.25 41.45 -10.69
C MET B 209 -20.81 41.96 -10.49
N SER B 210 -20.64 43.22 -10.07
CA SER B 210 -19.27 43.73 -9.95
C SER B 210 -18.51 43.02 -8.83
N ARG B 211 -19.19 42.67 -7.76
CA ARG B 211 -18.49 41.98 -6.68
CA ARG B 211 -18.49 41.96 -6.69
C ARG B 211 -18.07 40.57 -7.13
N ALA B 212 -18.92 39.93 -7.96
CA ALA B 212 -18.55 38.57 -8.41
C ALA B 212 -17.32 38.61 -9.33
N ILE B 213 -17.29 39.57 -10.26
CA ILE B 213 -16.14 39.72 -11.13
C ILE B 213 -14.87 39.96 -10.29
N LYS B 214 -15.01 40.79 -9.26
CA LYS B 214 -13.90 41.10 -8.35
CA LYS B 214 -13.84 41.07 -8.44
C LYS B 214 -13.42 39.83 -7.62
N LEU B 215 -14.40 39.08 -7.12
CA LEU B 215 -14.09 37.83 -6.36
C LEU B 215 -13.27 36.85 -7.22
N TYR B 216 -13.54 36.77 -8.52
CA TYR B 216 -12.89 35.75 -9.36
C TYR B 216 -11.73 36.26 -10.14
N ARG B 217 -11.37 37.54 -9.97
CA ARG B 217 -10.20 38.15 -10.65
CA ARG B 217 -10.22 38.15 -10.66
C ARG B 217 -8.93 37.35 -10.36
N VAL B 218 -8.13 37.12 -11.40
CA VAL B 218 -6.88 36.31 -11.42
CA VAL B 218 -6.86 36.40 -11.15
C VAL B 218 -5.72 37.32 -11.58
N GLU B 219 -4.62 37.23 -10.82
CA GLU B 219 -3.38 38.02 -11.15
C GLU B 219 -2.73 37.32 -12.35
N ASP B 220 -2.44 38.10 -13.38
CA ASP B 220 -1.79 37.58 -14.59
C ASP B 220 -0.28 37.31 -14.37
N THR B 221 0.08 36.70 -13.25
CA THR B 221 1.49 36.33 -13.05
C THR B 221 1.53 34.90 -12.47
N LEU B 222 2.35 34.05 -13.06
CA LEU B 222 2.52 32.68 -12.63
C LEU B 222 3.29 32.58 -11.32
N ASN B 223 2.90 31.66 -10.47
CA ASN B 223 3.65 31.33 -9.27
C ASN B 223 4.98 30.64 -9.61
N ILE B 224 4.95 29.83 -10.65
CA ILE B 224 6.09 29.07 -11.17
C ILE B 224 6.46 29.77 -12.49
N LYS B 225 7.40 30.72 -12.37
CA LYS B 225 7.61 31.68 -13.50
C LYS B 225 7.95 30.98 -14.84
N ASN B 226 8.68 29.87 -14.81
CA ASN B 226 9.18 29.29 -16.06
C ASN B 226 8.21 28.22 -16.62
N MET B 227 6.99 28.12 -16.08
CA MET B 227 6.03 27.14 -16.60
CA MET B 227 5.97 27.19 -16.64
C MET B 227 5.80 27.48 -18.11
N ARG B 228 6.05 26.50 -18.99
CA ARG B 228 5.98 26.73 -20.41
C ARG B 228 5.35 25.53 -21.14
N LEU B 229 4.86 25.77 -22.36
CA LEU B 229 4.34 24.62 -23.13
C LEU B 229 5.32 23.50 -23.26
N MET B 230 4.79 22.28 -23.14
CA MET B 230 5.62 21.09 -23.30
C MET B 230 6.06 20.93 -24.77
N LYS B 231 7.27 20.44 -24.91
CA LYS B 231 7.89 20.19 -26.22
CA LYS B 231 7.91 20.19 -26.22
C LYS B 231 8.33 18.74 -26.29
N LYS B 232 8.59 18.24 -27.49
CA LYS B 232 9.01 16.86 -27.64
C LYS B 232 10.19 16.43 -26.74
N LYS B 233 11.21 17.28 -26.54
CA LYS B 233 12.38 16.90 -25.71
C LYS B 233 11.95 16.71 -24.25
N ASP B 234 10.75 17.19 -23.83
CA ASP B 234 10.32 17.02 -22.47
C ASP B 234 9.64 15.64 -22.19
N VAL B 235 9.48 14.81 -23.22
CA VAL B 235 8.61 13.62 -23.05
C VAL B 235 9.18 12.68 -21.97
N GLU B 236 10.50 12.46 -22.04
CA GLU B 236 11.14 11.59 -21.04
C GLU B 236 10.94 12.10 -19.62
N GLY B 237 11.15 13.40 -19.42
CA GLY B 237 11.01 13.98 -18.09
C GLY B 237 9.60 13.94 -17.59
N VAL B 238 8.64 14.21 -18.47
CA VAL B 238 7.20 14.14 -18.10
C VAL B 238 6.83 12.66 -17.71
N HIS B 239 7.34 11.71 -18.49
CA HIS B 239 7.07 10.32 -18.22
C HIS B 239 7.56 9.93 -16.81
N LYS B 240 8.77 10.39 -16.47
CA LYS B 240 9.36 10.09 -15.20
CA LYS B 240 9.35 10.06 -15.19
C LYS B 240 8.55 10.77 -14.08
N LEU B 241 8.24 12.06 -14.28
CA LEU B 241 7.56 12.83 -13.23
C LEU B 241 6.16 12.21 -12.98
N LEU B 242 5.39 12.11 -14.06
CA LEU B 242 4.05 11.61 -13.99
C LEU B 242 3.99 10.16 -13.54
N GLY B 243 4.83 9.30 -14.12
CA GLY B 243 4.81 7.87 -13.78
C GLY B 243 5.09 7.62 -12.32
N SER B 244 6.06 8.33 -11.79
N SER B 244 6.04 8.33 -11.73
CA SER B 244 6.37 8.24 -10.38
CA SER B 244 6.34 8.17 -10.30
C SER B 244 5.19 8.62 -9.52
C SER B 244 5.24 8.70 -9.41
N TYR B 245 4.64 9.80 -9.83
CA TYR B 245 3.55 10.43 -9.06
C TYR B 245 2.30 9.52 -8.98
N LEU B 246 1.97 8.86 -10.10
CA LEU B 246 0.69 8.12 -10.21
C LEU B 246 0.73 6.83 -9.38
N GLU B 247 1.95 6.32 -9.07
CA GLU B 247 2.03 5.05 -8.34
C GLU B 247 1.34 5.08 -6.98
N GLN B 248 1.15 6.25 -6.39
CA GLN B 248 0.49 6.26 -5.09
C GLN B 248 -1.00 5.94 -5.15
N PHE B 249 -1.65 6.04 -6.31
CA PHE B 249 -3.08 5.88 -6.36
C PHE B 249 -3.59 4.43 -6.48
N ASN B 250 -4.85 4.25 -6.18
CA ASN B 250 -5.43 2.91 -6.31
CA ASN B 250 -5.51 2.93 -6.25
C ASN B 250 -5.87 2.54 -7.72
N LEU B 251 -5.95 3.53 -8.61
CA LEU B 251 -6.42 3.30 -10.03
C LEU B 251 -5.75 4.32 -10.88
N TYR B 252 -4.92 3.88 -11.82
CA TYR B 252 -4.26 4.84 -12.71
C TYR B 252 -3.79 4.11 -13.95
N ALA B 253 -3.61 4.86 -15.04
CA ALA B 253 -3.03 4.28 -16.29
C ALA B 253 -1.57 4.21 -16.12
N VAL B 254 -0.95 3.19 -16.72
CA VAL B 254 0.50 3.03 -16.64
C VAL B 254 1.00 3.44 -18.03
N PHE B 255 1.51 4.68 -18.17
CA PHE B 255 1.77 5.25 -19.49
C PHE B 255 3.15 4.86 -19.93
N THR B 256 3.30 4.44 -21.19
CA THR B 256 4.61 4.27 -21.79
C THR B 256 5.06 5.65 -22.33
N LYS B 257 6.29 5.72 -22.83
CA LYS B 257 6.84 6.96 -23.36
CA LYS B 257 6.79 7.01 -23.30
C LYS B 257 6.03 7.43 -24.55
N GLU B 258 5.67 6.48 -25.41
CA GLU B 258 4.82 6.72 -26.61
CA GLU B 258 4.92 6.87 -26.60
C GLU B 258 3.52 7.36 -26.20
N GLU B 259 2.92 6.77 -25.16
CA GLU B 259 1.65 7.25 -24.62
C GLU B 259 1.78 8.66 -24.02
N ILE B 260 2.86 8.91 -23.28
CA ILE B 260 3.14 10.30 -22.82
C ILE B 260 3.11 11.29 -24.01
N ALA B 261 3.87 10.98 -25.04
CA ALA B 261 3.97 11.89 -26.18
C ALA B 261 2.56 12.11 -26.74
N HIS B 262 1.78 11.04 -26.92
CA HIS B 262 0.44 11.21 -27.49
C HIS B 262 -0.51 12.01 -26.58
N TRP B 263 -0.50 11.72 -25.29
CA TRP B 263 -1.58 12.26 -24.44
C TRP B 263 -1.25 13.64 -23.98
N PHE B 264 0.04 14.00 -24.06
CA PHE B 264 0.46 15.29 -23.44
C PHE B 264 1.03 16.34 -24.40
N LEU B 265 1.62 15.96 -25.54
CA LEU B 265 2.16 17.03 -26.35
C LEU B 265 1.06 17.95 -26.85
N PRO B 266 1.27 19.28 -26.77
CA PRO B 266 0.11 20.16 -26.93
C PRO B 266 -0.47 20.20 -28.35
N ILE B 267 -1.79 20.27 -28.42
CA ILE B 267 -2.48 20.47 -29.71
C ILE B 267 -3.48 21.56 -29.43
N GLU B 268 -3.35 22.70 -30.13
CA GLU B 268 -4.25 23.83 -29.93
CA GLU B 268 -4.25 23.84 -29.91
C GLU B 268 -5.72 23.43 -29.88
N ASN B 269 -6.47 23.97 -28.93
CA ASN B 269 -7.91 23.64 -28.79
C ASN B 269 -8.24 22.18 -28.46
N VAL B 270 -7.25 21.39 -28.00
CA VAL B 270 -7.50 20.00 -27.65
C VAL B 270 -6.80 19.72 -26.30
N ILE B 271 -5.45 19.75 -26.29
CA ILE B 271 -4.73 19.36 -25.06
C ILE B 271 -3.63 20.41 -24.81
N TYR B 272 -3.54 20.85 -23.55
CA TYR B 272 -2.58 21.88 -23.15
C TYR B 272 -1.76 21.26 -22.02
N THR B 273 -0.45 21.21 -22.21
CA THR B 273 0.41 20.72 -21.12
C THR B 273 1.56 21.73 -20.96
N TYR B 274 1.87 22.06 -19.73
CA TYR B 274 2.94 23.02 -19.40
C TYR B 274 3.87 22.34 -18.41
N VAL B 275 5.17 22.68 -18.51
CA VAL B 275 6.24 22.05 -17.68
C VAL B 275 7.14 23.14 -17.11
N ASN B 276 7.74 22.81 -15.98
CA ASN B 276 8.77 23.63 -15.40
C ASN B 276 10.01 22.82 -15.40
N GLU B 277 10.98 23.26 -16.18
CA GLU B 277 12.22 22.56 -16.34
C GLU B 277 13.27 23.30 -15.51
N GLU B 278 13.96 22.58 -14.65
CA GLU B 278 14.94 23.22 -13.72
C GLU B 278 16.17 22.33 -13.77
N ASN B 279 17.33 22.86 -14.19
CA ASN B 279 18.58 22.07 -14.14
CA ASN B 279 18.59 22.08 -14.18
C ASN B 279 18.42 20.77 -14.92
N GLY B 280 17.96 20.86 -16.16
CA GLY B 280 17.76 19.68 -17.05
C GLY B 280 16.52 18.77 -16.83
N LYS B 281 15.82 19.00 -15.70
CA LYS B 281 14.82 18.04 -15.20
C LYS B 281 13.43 18.65 -15.15
N ILE B 282 12.43 17.86 -15.47
CA ILE B 282 11.03 18.38 -15.45
C ILE B 282 10.56 18.20 -14.04
N LYS B 283 10.23 19.29 -13.33
CA LYS B 283 9.96 19.16 -11.91
C LYS B 283 8.51 19.44 -11.57
N ASP B 284 7.73 20.04 -12.51
CA ASP B 284 6.33 20.32 -12.25
C ASP B 284 5.65 20.25 -13.61
N MET B 285 4.36 19.90 -13.59
CA MET B 285 3.56 19.91 -14.83
C MET B 285 2.14 20.26 -14.53
N ILE B 286 1.49 20.83 -15.57
CA ILE B 286 0.09 21.22 -15.52
C ILE B 286 -0.54 20.74 -16.86
N SER B 287 -1.72 20.08 -16.86
CA SER B 287 -2.33 19.73 -18.14
C SER B 287 -3.84 19.85 -17.99
N PHE B 288 -4.45 20.31 -19.07
CA PHE B 288 -5.92 20.30 -19.10
C PHE B 288 -6.33 20.16 -20.54
N TYR B 289 -7.51 19.56 -20.77
CA TYR B 289 -8.01 19.45 -22.12
C TYR B 289 -9.19 20.36 -22.39
N SER B 290 -9.45 20.63 -23.68
CA SER B 290 -10.51 21.54 -24.08
C SER B 290 -11.81 20.75 -24.39
N LEU B 291 -12.89 21.03 -23.67
CA LEU B 291 -14.16 20.29 -23.94
C LEU B 291 -15.27 21.32 -23.83
N PRO B 292 -15.60 21.95 -24.99
CA PRO B 292 -16.65 22.97 -24.92
C PRO B 292 -18.01 22.34 -24.70
N SER B 293 -18.94 23.07 -24.07
CA SER B 293 -20.33 22.61 -24.14
C SER B 293 -21.13 23.56 -25.03
N GLN B 294 -22.01 23.00 -25.85
CA GLN B 294 -22.90 23.82 -26.60
C GLN B 294 -24.00 24.28 -25.56
N ILE B 295 -24.35 25.55 -25.61
CA ILE B 295 -25.31 26.11 -24.65
C ILE B 295 -26.65 26.08 -25.39
N LEU B 296 -27.66 25.43 -24.82
CA LEU B 296 -28.83 25.10 -25.57
C LEU B 296 -29.82 26.28 -25.45
N GLY B 297 -30.27 26.85 -26.57
CA GLY B 297 -31.22 27.98 -26.54
C GLY B 297 -30.87 29.21 -25.70
N ASN B 298 -29.70 29.79 -25.95
CA ASN B 298 -29.35 31.09 -25.36
C ASN B 298 -29.08 31.93 -26.56
N ASP B 299 -29.79 33.02 -26.78
CA ASP B 299 -29.47 33.72 -28.05
C ASP B 299 -28.13 34.48 -28.07
N LYS B 300 -27.56 34.80 -26.90
CA LYS B 300 -26.30 35.53 -26.92
C LYS B 300 -25.04 34.67 -27.12
N TYR B 301 -25.03 33.53 -26.43
CA TYR B 301 -23.84 32.69 -26.43
C TYR B 301 -24.24 31.27 -26.90
N SER B 302 -23.47 30.71 -27.80
CA SER B 302 -23.87 29.35 -28.19
C SER B 302 -22.85 28.29 -27.64
N THR B 303 -21.72 28.77 -27.12
CA THR B 303 -20.60 27.84 -26.66
C THR B 303 -20.01 28.29 -25.37
N LEU B 304 -19.82 27.36 -24.45
CA LEU B 304 -19.12 27.56 -23.18
C LEU B 304 -17.75 26.90 -23.40
N ASN B 305 -16.66 27.67 -23.36
CA ASN B 305 -15.33 27.08 -23.46
C ASN B 305 -14.80 26.69 -22.08
N ALA B 306 -14.48 25.41 -21.93
CA ALA B 306 -14.13 24.87 -20.62
C ALA B 306 -12.84 24.09 -20.68
N ALA B 307 -11.95 24.38 -19.73
CA ALA B 307 -10.71 23.61 -19.53
C ALA B 307 -10.98 22.54 -18.45
N TYR B 308 -10.60 21.30 -18.77
CA TYR B 308 -10.77 20.15 -17.85
C TYR B 308 -9.44 19.74 -17.30
N SER B 309 -9.29 19.93 -15.99
CA SER B 309 -8.06 19.53 -15.28
C SER B 309 -7.78 18.03 -15.58
N PHE B 310 -6.58 17.74 -16.04
CA PHE B 310 -6.22 16.38 -16.50
C PHE B 310 -5.18 15.83 -15.49
N TYR B 311 -3.86 16.00 -15.71
CA TYR B 311 -2.86 15.60 -14.68
C TYR B 311 -1.95 16.81 -14.27
N ASN B 312 -1.73 16.96 -12.95
CA ASN B 312 -0.96 18.10 -12.44
C ASN B 312 -0.05 17.56 -11.36
N VAL B 313 1.23 17.94 -11.37
CA VAL B 313 2.16 17.38 -10.40
C VAL B 313 3.11 18.52 -10.06
N THR B 314 3.39 18.71 -8.77
CA THR B 314 4.37 19.70 -8.37
C THR B 314 5.34 19.12 -7.39
N THR B 315 6.61 19.43 -7.62
CA THR B 315 7.69 19.18 -6.64
C THR B 315 8.43 20.46 -6.21
N THR B 316 8.10 21.63 -6.78
CA THR B 316 8.83 22.87 -6.42
C THR B 316 7.91 23.91 -5.84
N ALA B 317 6.62 23.61 -5.77
CA ALA B 317 5.64 24.58 -5.23
C ALA B 317 4.59 23.85 -4.41
N THR B 318 3.64 24.55 -3.84
CA THR B 318 2.55 23.84 -3.23
C THR B 318 1.50 23.44 -4.32
N PHE B 319 0.68 22.41 -4.02
CA PHE B 319 -0.37 22.02 -4.94
C PHE B 319 -1.32 23.17 -5.23
N LYS B 320 -1.69 23.93 -4.19
CA LYS B 320 -2.47 25.13 -4.40
CA LYS B 320 -2.46 25.15 -4.38
C LYS B 320 -1.83 26.11 -5.39
N GLN B 321 -0.54 26.42 -5.22
CA GLN B 321 0.13 27.35 -6.17
C GLN B 321 0.09 26.78 -7.58
N LEU B 322 0.28 25.46 -7.67
CA LEU B 322 0.31 24.81 -9.00
C LEU B 322 -1.06 24.98 -9.70
N MET B 323 -2.15 24.67 -8.96
CA MET B 323 -3.51 24.71 -9.56
C MET B 323 -3.93 26.17 -9.78
N GLN B 324 -3.37 27.10 -8.97
CA GLN B 324 -3.56 28.51 -9.27
C GLN B 324 -2.94 28.87 -10.61
N ASP B 325 -1.72 28.40 -10.87
CA ASP B 325 -1.19 28.57 -12.20
C ASP B 325 -1.96 27.89 -13.28
N ALA B 326 -2.52 26.69 -12.99
CA ALA B 326 -3.37 26.01 -13.96
C ALA B 326 -4.56 26.88 -14.37
N ILE B 327 -5.22 27.51 -13.38
CA ILE B 327 -6.36 28.39 -13.68
C ILE B 327 -5.92 29.57 -14.57
N LEU B 328 -4.76 30.14 -14.26
CA LEU B 328 -4.25 31.29 -14.98
C LEU B 328 -3.94 30.89 -16.42
N LEU B 329 -3.27 29.73 -16.59
CA LEU B 329 -2.97 29.28 -17.94
C LEU B 329 -4.25 28.97 -18.74
N ALA B 330 -5.25 28.39 -18.06
CA ALA B 330 -6.59 28.31 -18.71
C ALA B 330 -7.15 29.72 -19.11
N LYS B 331 -7.09 30.68 -18.21
CA LYS B 331 -7.51 32.04 -18.54
C LYS B 331 -6.77 32.63 -19.75
N ARG B 332 -5.44 32.47 -19.77
CA ARG B 332 -4.61 32.95 -20.85
C ARG B 332 -4.97 32.29 -22.20
N ASN B 333 -5.55 31.09 -22.15
CA ASN B 333 -5.95 30.41 -23.36
C ASN B 333 -7.44 30.57 -23.69
N ASN B 334 -8.11 31.57 -23.09
CA ASN B 334 -9.47 32.01 -23.41
C ASN B 334 -10.56 31.04 -22.94
N PHE B 335 -10.32 30.26 -21.85
CA PHE B 335 -11.40 29.41 -21.36
C PHE B 335 -12.28 30.21 -20.42
N ASP B 336 -13.56 29.86 -20.35
CA ASP B 336 -14.52 30.58 -19.54
C ASP B 336 -14.57 30.04 -18.13
N VAL B 337 -14.11 28.80 -17.96
CA VAL B 337 -14.31 28.07 -16.71
C VAL B 337 -13.26 26.97 -16.68
N PHE B 338 -12.88 26.57 -15.47
CA PHE B 338 -11.85 25.51 -15.23
C PHE B 338 -12.56 24.47 -14.38
N ASN B 339 -12.70 23.24 -14.95
CA ASN B 339 -13.46 22.16 -14.32
C ASN B 339 -12.50 21.12 -13.76
N ALA B 340 -12.80 20.64 -12.57
CA ALA B 340 -11.92 19.58 -12.03
C ALA B 340 -12.77 18.61 -11.21
N LEU B 341 -12.40 17.34 -11.26
CA LEU B 341 -12.99 16.29 -10.40
C LEU B 341 -12.25 16.25 -9.04
N GLU B 342 -12.92 15.77 -7.98
CA GLU B 342 -12.30 15.55 -6.66
C GLU B 342 -11.47 14.26 -6.65
N VAL B 343 -10.56 14.17 -7.65
CA VAL B 343 -9.64 13.02 -7.72
C VAL B 343 -8.24 13.44 -7.35
N MET B 344 -7.35 12.47 -7.09
CA MET B 344 -5.97 12.84 -6.70
C MET B 344 -5.98 13.82 -5.52
N GLN B 345 -5.15 14.86 -5.56
CA GLN B 345 -5.10 15.86 -4.49
C GLN B 345 -6.03 17.03 -4.73
N ASN B 346 -6.94 16.94 -5.71
CA ASN B 346 -7.60 18.19 -6.11
C ASN B 346 -8.54 18.77 -5.05
N LYS B 347 -9.24 17.92 -4.27
CA LYS B 347 -10.32 18.48 -3.42
C LYS B 347 -9.66 19.49 -2.43
N SER B 348 -8.41 19.20 -2.07
CA SER B 348 -7.71 20.00 -1.01
C SER B 348 -7.59 21.49 -1.41
N VAL B 349 -7.71 21.82 -2.70
CA VAL B 349 -7.49 23.21 -3.08
C VAL B 349 -8.77 23.90 -3.50
N PHE B 350 -9.89 23.18 -3.50
CA PHE B 350 -11.10 23.75 -4.14
C PHE B 350 -11.62 24.95 -3.33
N GLU B 351 -11.59 24.86 -1.99
CA GLU B 351 -12.14 25.97 -1.21
CA GLU B 351 -12.17 25.97 -1.26
C GLU B 351 -11.28 27.22 -1.39
N ASP B 352 -9.97 27.08 -1.14
CA ASP B 352 -9.05 28.23 -1.23
C ASP B 352 -8.98 28.88 -2.63
N LEU B 353 -9.12 28.05 -3.66
CA LEU B 353 -9.10 28.52 -5.03
C LEU B 353 -10.47 28.93 -5.60
N LYS B 354 -11.50 29.00 -4.73
CA LYS B 354 -12.82 29.54 -5.09
C LYS B 354 -13.54 28.69 -6.12
N PHE B 355 -13.31 27.36 -6.07
CA PHE B 355 -14.11 26.47 -6.88
C PHE B 355 -15.51 26.34 -6.23
N GLY B 356 -16.54 26.16 -7.04
CA GLY B 356 -17.87 25.88 -6.53
C GLY B 356 -18.23 24.44 -6.87
N GLU B 357 -18.95 23.79 -5.97
CA GLU B 357 -19.43 22.43 -6.22
C GLU B 357 -20.45 22.43 -7.36
N GLY B 358 -20.30 21.48 -8.29
CA GLY B 358 -21.20 21.26 -9.40
C GLY B 358 -22.49 20.54 -8.94
N ASP B 359 -23.18 20.08 -9.97
CA ASP B 359 -24.48 19.45 -9.96
C ASP B 359 -24.52 17.91 -9.97
N GLY B 360 -23.38 17.26 -10.15
CA GLY B 360 -23.47 15.82 -10.16
C GLY B 360 -22.08 15.24 -10.11
N SER B 361 -21.98 13.98 -10.44
CA SER B 361 -20.68 13.35 -10.21
C SER B 361 -20.35 12.38 -11.31
N LEU B 362 -19.07 12.03 -11.39
CA LEU B 362 -18.68 11.02 -12.39
C LEU B 362 -18.34 9.72 -11.72
N LYS B 363 -19.09 8.64 -12.04
CA LYS B 363 -18.82 7.30 -11.47
C LYS B 363 -17.77 6.57 -12.30
N TYR B 364 -16.84 5.94 -11.61
CA TYR B 364 -15.78 5.13 -12.30
C TYR B 364 -16.16 3.65 -12.17
N TYR B 365 -16.03 2.94 -13.28
CA TYR B 365 -16.48 1.57 -13.40
C TYR B 365 -15.34 0.73 -13.97
N LEU B 366 -15.28 -0.51 -13.53
CA LEU B 366 -14.48 -1.53 -14.21
C LEU B 366 -15.43 -2.69 -14.67
N TYR B 367 -15.08 -3.27 -15.78
CA TYR B 367 -15.85 -4.41 -16.35
C TYR B 367 -15.05 -5.68 -16.13
N ASN B 368 -15.74 -6.70 -15.63
CA ASN B 368 -15.08 -7.98 -15.26
C ASN B 368 -13.86 -7.86 -14.26
N TRP B 369 -14.12 -7.12 -13.20
CA TRP B 369 -13.13 -6.92 -12.14
C TRP B 369 -13.83 -6.71 -10.84
N LYS B 370 -13.45 -7.54 -9.86
CA LYS B 370 -13.98 -7.50 -8.48
CA LYS B 370 -14.02 -7.32 -8.52
C LYS B 370 -12.92 -6.84 -7.60
N CYS B 371 -13.27 -5.83 -6.83
CA CYS B 371 -12.32 -5.17 -5.93
C CYS B 371 -13.04 -4.28 -4.98
N ALA B 372 -12.33 -3.83 -3.92
CA ALA B 372 -12.93 -2.85 -2.96
C ALA B 372 -13.11 -1.52 -3.68
N SER B 373 -14.19 -0.84 -3.35
CA SER B 373 -14.35 0.55 -3.81
C SER B 373 -13.52 1.49 -2.93
N PHE B 374 -13.34 2.72 -3.36
CA PHE B 374 -12.51 3.66 -2.64
C PHE B 374 -12.93 5.10 -2.93
N ALA B 375 -12.53 5.98 -2.00
CA ALA B 375 -12.85 7.45 -2.08
C ALA B 375 -12.10 7.99 -3.29
N PRO B 376 -12.65 9.05 -3.93
CA PRO B 376 -12.03 9.46 -5.20
C PRO B 376 -10.66 10.13 -5.05
N ALA B 377 -10.24 10.52 -3.83
CA ALA B 377 -8.85 10.95 -3.64
C ALA B 377 -7.87 9.86 -4.06
N HIS B 378 -8.31 8.59 -4.05
CA HIS B 378 -7.41 7.53 -4.37
C HIS B 378 -7.52 7.19 -5.89
N VAL B 379 -8.40 7.91 -6.62
CA VAL B 379 -8.46 7.72 -8.09
C VAL B 379 -7.32 8.57 -8.71
N GLY B 380 -6.53 7.96 -9.58
CA GLY B 380 -5.43 8.67 -10.24
C GLY B 380 -5.56 8.64 -11.76
N ILE B 381 -6.78 8.57 -12.24
CA ILE B 381 -7.02 8.53 -13.72
C ILE B 381 -8.14 9.45 -14.05
N VAL B 382 -7.93 10.24 -15.10
CA VAL B 382 -8.98 11.17 -15.60
C VAL B 382 -9.29 10.79 -17.02
N LEU B 383 -10.53 10.40 -17.31
CA LEU B 383 -10.88 9.97 -18.68
CA LEU B 383 -10.89 9.98 -18.69
C LEU B 383 -11.26 11.21 -19.51
N LEU B 384 -11.55 10.99 -20.80
CA LEU B 384 -11.92 12.12 -21.71
C LEU B 384 -13.42 12.40 -21.86
N ASP C 1 29.73 -9.94 18.07
CA ASP C 1 29.09 -8.70 17.51
C ASP C 1 29.32 -8.43 15.99
N TYR C 2 29.71 -9.46 15.23
CA TYR C 2 29.69 -9.42 13.74
C TYR C 2 30.39 -8.21 13.10
N LYS C 3 31.69 -8.09 13.33
CA LYS C 3 32.41 -6.92 12.87
C LYS C 3 32.44 -6.80 11.34
N PHE C 4 32.49 -7.91 10.62
CA PHE C 4 32.38 -7.84 9.16
C PHE C 4 30.90 -7.67 8.72
N TRP C 5 30.02 -8.58 9.20
CA TRP C 5 28.59 -8.52 8.77
C TRP C 5 27.94 -7.15 9.02
N TYR C 6 28.29 -6.48 10.12
CA TYR C 6 27.83 -5.11 10.51
CA TYR C 6 27.58 -5.22 10.38
C TYR C 6 28.06 -4.05 9.43
N THR C 7 29.14 -4.23 8.67
CA THR C 7 29.47 -3.31 7.60
C THR C 7 28.67 -3.56 6.32
N GLN C 8 27.88 -4.62 6.30
CA GLN C 8 27.21 -5.08 5.07
C GLN C 8 25.76 -4.70 5.04
N PRO C 9 25.17 -4.58 3.84
CA PRO C 9 23.72 -4.29 3.77
C PRO C 9 22.87 -5.54 4.09
N VAL C 10 22.84 -5.95 5.36
CA VAL C 10 22.04 -7.06 5.90
C VAL C 10 21.42 -6.54 7.20
N PRO C 11 20.37 -7.18 7.69
CA PRO C 11 19.71 -6.70 8.94
C PRO C 11 20.70 -6.87 10.13
N LYS C 12 20.56 -6.04 11.17
N LYS C 12 20.55 -6.06 11.18
CA LYS C 12 21.26 -6.26 12.43
CA LYS C 12 21.25 -6.34 12.42
C LYS C 12 20.55 -7.40 13.12
C LYS C 12 20.53 -7.46 13.11
N ILE C 13 21.20 -8.02 14.11
CA ILE C 13 20.74 -9.29 14.65
CA ILE C 13 20.80 -9.26 14.74
C ILE C 13 19.42 -9.16 15.43
N ASN C 14 19.07 -7.95 15.86
CA ASN C 14 17.79 -7.72 16.54
C ASN C 14 16.69 -7.18 15.64
N ASP C 15 17.00 -6.90 14.37
CA ASP C 15 15.98 -6.34 13.44
C ASP C 15 14.78 -7.26 13.22
N GLU C 16 13.59 -6.69 13.23
CA GLU C 16 12.40 -7.38 12.76
C GLU C 16 11.67 -6.39 11.89
N PHE C 17 11.00 -6.86 10.85
CA PHE C 17 10.41 -5.95 9.90
C PHE C 17 8.92 -6.26 9.76
N ASN C 18 8.12 -5.24 9.45
CA ASN C 18 6.70 -5.50 9.17
C ASN C 18 6.48 -6.31 7.92
N GLU C 19 5.33 -6.98 7.87
CA GLU C 19 4.89 -7.78 6.70
C GLU C 19 4.98 -7.08 5.37
N SER C 20 4.74 -5.76 5.36
CA SER C 20 4.76 -5.01 4.14
C SER C 20 6.17 -4.62 3.69
N VAL C 21 7.16 -4.71 4.57
CA VAL C 21 8.52 -4.25 4.19
C VAL C 21 9.12 -5.24 3.16
N ASN C 22 9.52 -4.77 1.99
CA ASN C 22 10.08 -5.70 0.96
C ASN C 22 10.90 -4.90 -0.01
N GLU C 23 12.18 -4.64 0.31
CA GLU C 23 12.97 -3.70 -0.55
C GLU C 23 14.44 -3.82 -0.23
N PRO C 24 15.32 -3.24 -1.08
CA PRO C 24 16.76 -3.32 -0.76
C PRO C 24 17.14 -2.50 0.50
N PHE C 25 18.24 -2.85 1.15
CA PHE C 25 18.85 -1.91 2.07
C PHE C 25 19.38 -0.71 1.35
N ILE C 26 20.03 -0.93 0.19
CA ILE C 26 20.69 0.13 -0.56
C ILE C 26 20.21 0.00 -1.99
N SER C 27 19.49 1.03 -2.45
CA SER C 27 18.96 1.11 -3.80
CA SER C 27 19.00 1.06 -3.82
C SER C 27 19.80 2.07 -4.63
N ASP C 28 19.53 2.15 -5.94
CA ASP C 28 20.15 3.13 -6.84
CA ASP C 28 20.16 3.16 -6.78
C ASP C 28 21.68 2.91 -6.99
N ASN C 29 22.04 1.64 -7.04
CA ASN C 29 23.41 1.17 -7.19
C ASN C 29 23.82 1.40 -8.61
N LYS C 30 25.08 1.70 -8.84
CA LYS C 30 25.59 1.97 -10.19
C LYS C 30 26.76 1.09 -10.58
N VAL C 31 26.58 0.27 -11.61
CA VAL C 31 27.73 -0.46 -12.13
C VAL C 31 29.00 0.39 -12.34
N GLU C 32 28.90 1.61 -12.88
CA GLU C 32 30.06 2.43 -13.17
CA GLU C 32 30.21 2.23 -13.18
C GLU C 32 30.93 2.68 -11.92
N ASP C 33 30.28 2.66 -10.75
CA ASP C 33 30.98 3.01 -9.50
C ASP C 33 31.62 1.82 -8.79
N VAL C 34 31.31 0.62 -9.27
CA VAL C 34 31.85 -0.62 -8.63
C VAL C 34 33.36 -0.64 -8.69
N ARG C 35 34.01 -1.03 -7.61
CA ARG C 35 35.42 -1.22 -7.61
C ARG C 35 35.90 -2.11 -8.81
N LYS C 36 36.94 -1.66 -9.52
CA LYS C 36 37.37 -2.46 -10.65
C LYS C 36 38.61 -3.26 -10.26
N ASP C 37 39.16 -3.00 -9.08
CA ASP C 37 40.29 -3.76 -8.54
C ASP C 37 39.90 -4.99 -7.68
N GLU C 38 40.59 -6.08 -7.90
CA GLU C 38 40.37 -7.30 -7.06
C GLU C 38 40.79 -7.01 -5.61
N TYR C 39 40.04 -7.54 -4.64
CA TYR C 39 40.41 -7.37 -3.21
C TYR C 39 41.78 -7.94 -2.92
N LYS C 40 42.43 -7.28 -2.01
CA LYS C 40 43.78 -7.71 -1.67
C LYS C 40 43.83 -8.99 -0.79
N LEU C 41 44.75 -9.89 -1.15
CA LEU C 41 45.00 -11.10 -0.37
C LEU C 41 46.32 -10.95 0.36
N PRO C 42 46.57 -11.77 1.39
CA PRO C 42 47.85 -11.79 2.06
C PRO C 42 49.01 -12.20 1.13
N PRO C 43 50.26 -11.91 1.53
CA PRO C 43 51.45 -12.20 0.74
C PRO C 43 51.50 -13.69 0.44
N GLY C 44 51.68 -14.02 -0.84
CA GLY C 44 51.79 -15.42 -1.27
C GLY C 44 50.48 -16.07 -1.66
N TYR C 45 49.38 -15.33 -1.61
CA TYR C 45 48.10 -15.86 -2.06
C TYR C 45 47.60 -15.11 -3.30
N SER C 46 46.95 -15.82 -4.19
CA SER C 46 46.53 -15.23 -5.47
CA SER C 46 46.52 -15.17 -5.42
C SER C 46 45.14 -15.66 -5.85
N TRP C 47 44.39 -14.77 -6.50
CA TRP C 47 43.12 -15.14 -7.10
C TRP C 47 43.35 -16.06 -8.29
N TYR C 48 42.40 -16.97 -8.50
CA TYR C 48 42.52 -17.98 -9.53
C TYR C 48 41.21 -18.06 -10.26
N VAL C 49 41.27 -18.06 -11.62
CA VAL C 49 40.00 -18.20 -12.39
C VAL C 49 39.73 -19.69 -12.54
N CYS C 50 38.74 -20.17 -11.81
CA CYS C 50 38.46 -21.61 -11.94
C CYS C 50 37.58 -21.84 -13.09
N ASP C 51 37.93 -22.79 -13.99
CA ASP C 51 37.13 -23.10 -15.17
C ASP C 51 36.54 -24.47 -14.84
N VAL C 52 35.33 -24.49 -14.32
N VAL C 52 35.31 -24.44 -14.35
CA VAL C 52 34.74 -25.75 -13.86
CA VAL C 52 34.57 -25.63 -13.90
C VAL C 52 34.54 -26.73 -15.02
C VAL C 52 34.35 -26.67 -15.00
N LYS C 53 34.40 -26.24 -16.26
CA LYS C 53 34.32 -27.19 -17.40
C LYS C 53 35.64 -27.90 -17.66
N ASP C 54 36.74 -27.35 -17.13
CA ASP C 54 38.01 -27.99 -17.26
C ASP C 54 38.19 -29.11 -16.21
N GLU C 55 38.42 -30.35 -16.62
CA GLU C 55 38.48 -31.48 -15.67
CA GLU C 55 38.43 -31.45 -15.64
C GLU C 55 39.52 -31.25 -14.55
N LYS C 56 40.68 -30.68 -14.90
CA LYS C 56 41.73 -30.46 -13.91
C LYS C 56 41.32 -29.39 -12.86
N ASP C 57 40.82 -28.25 -13.33
CA ASP C 57 40.36 -27.22 -12.38
C ASP C 57 39.23 -27.80 -11.56
N ARG C 58 38.35 -28.60 -12.21
CA ARG C 58 37.19 -29.08 -11.50
C ARG C 58 37.66 -30.06 -10.36
N SER C 59 38.69 -30.84 -10.67
CA SER C 59 39.21 -31.79 -9.70
CA SER C 59 39.26 -31.78 -9.71
C SER C 59 39.90 -31.08 -8.52
N GLU C 60 40.48 -29.90 -8.76
CA GLU C 60 41.14 -29.21 -7.68
C GLU C 60 40.07 -28.61 -6.73
N ILE C 61 38.96 -28.20 -7.31
CA ILE C 61 37.83 -27.73 -6.46
C ILE C 61 37.30 -28.91 -5.63
N TYR C 62 37.09 -30.01 -6.33
CA TYR C 62 36.60 -31.24 -5.70
C TYR C 62 37.48 -31.61 -4.51
N THR C 63 38.81 -31.61 -4.71
CA THR C 63 39.70 -32.02 -3.59
C THR C 63 39.63 -31.02 -2.43
N LEU C 64 39.63 -29.74 -2.77
CA LEU C 64 39.52 -28.69 -1.72
C LEU C 64 38.28 -28.94 -0.85
N LEU C 65 37.11 -29.16 -1.47
CA LEU C 65 35.90 -29.29 -0.70
C LEU C 65 35.90 -30.69 0.04
N THR C 66 36.44 -31.72 -0.59
CA THR C 66 36.39 -33.06 -0.01
C THR C 66 37.12 -33.00 1.31
N ASP C 67 38.23 -32.22 1.34
CA ASP C 67 39.09 -32.20 2.56
C ASP C 67 38.67 -31.10 3.55
N ASN C 68 38.03 -30.06 3.05
CA ASN C 68 37.86 -28.87 3.87
C ASN C 68 36.45 -28.29 4.00
N TYR C 69 35.42 -28.93 3.38
CA TYR C 69 34.09 -28.34 3.44
C TYR C 69 33.32 -28.65 4.71
N VAL C 70 32.02 -28.43 4.66
CA VAL C 70 31.18 -28.49 5.86
C VAL C 70 31.18 -29.85 6.57
N GLU C 71 31.33 -29.81 7.90
CA GLU C 71 31.17 -31.03 8.71
C GLU C 71 29.96 -30.83 9.63
N ASP C 72 29.38 -31.91 10.14
CA ASP C 72 28.33 -31.68 11.14
C ASP C 72 28.99 -31.19 12.45
N ASP C 73 28.18 -30.83 13.46
CA ASP C 73 28.73 -30.30 14.74
C ASP C 73 29.64 -31.22 15.50
N ASP C 74 29.45 -32.53 15.35
CA ASP C 74 30.37 -33.51 15.99
C ASP C 74 31.50 -34.05 15.14
N ASN C 75 31.69 -33.46 13.97
CA ASN C 75 32.81 -33.85 13.13
C ASN C 75 32.85 -35.32 12.84
N ILE C 76 31.71 -35.91 12.58
CA ILE C 76 31.76 -37.31 12.18
C ILE C 76 31.50 -37.47 10.67
N PHE C 77 30.87 -36.47 10.07
CA PHE C 77 30.65 -36.45 8.61
C PHE C 77 31.19 -35.17 7.96
N ARG C 78 31.74 -35.28 6.76
CA ARG C 78 32.03 -34.06 5.96
C ARG C 78 31.33 -34.24 4.62
N PHE C 79 30.60 -33.23 4.14
CA PHE C 79 30.09 -33.33 2.75
C PHE C 79 31.15 -33.71 1.73
N ASN C 80 30.75 -34.52 0.75
CA ASN C 80 31.65 -34.93 -0.29
C ASN C 80 30.94 -34.78 -1.65
N TYR C 81 30.68 -33.53 -2.06
CA TYR C 81 30.05 -33.26 -3.35
C TYR C 81 30.96 -33.87 -4.43
N SER C 82 30.38 -34.63 -5.36
CA SER C 82 31.24 -35.22 -6.42
C SER C 82 31.68 -34.17 -7.44
N ALA C 83 32.72 -34.47 -8.22
CA ALA C 83 33.15 -33.56 -9.29
C ALA C 83 31.98 -33.37 -10.27
N GLU C 84 31.15 -34.44 -10.52
CA GLU C 84 30.10 -34.33 -11.53
CA GLU C 84 30.12 -34.29 -11.59
C GLU C 84 29.00 -33.43 -11.00
N PHE C 85 28.78 -33.52 -9.69
CA PHE C 85 27.77 -32.66 -9.03
C PHE C 85 28.21 -31.19 -9.13
N LEU C 86 29.49 -30.92 -8.89
CA LEU C 86 30.01 -29.52 -8.97
C LEU C 86 29.80 -28.97 -10.39
N LEU C 87 30.03 -29.79 -11.41
CA LEU C 87 29.80 -29.39 -12.77
C LEU C 87 28.37 -28.92 -13.00
N TRP C 88 27.40 -29.75 -12.53
CA TRP C 88 25.99 -29.50 -12.64
C TRP C 88 25.60 -28.27 -11.83
N ALA C 89 26.13 -28.15 -10.59
CA ALA C 89 25.69 -27.09 -9.69
C ALA C 89 26.18 -25.67 -10.20
N LEU C 90 27.29 -25.64 -10.94
CA LEU C 90 27.97 -24.36 -11.25
C LEU C 90 27.77 -23.88 -12.72
N THR C 91 27.20 -24.70 -13.60
CA THR C 91 27.10 -24.36 -15.00
C THR C 91 25.70 -24.34 -15.51
N SER C 92 24.80 -23.82 -14.67
CA SER C 92 23.42 -23.64 -15.01
C SER C 92 23.28 -22.49 -15.99
N PRO C 93 22.10 -22.27 -16.52
CA PRO C 93 21.99 -21.34 -17.67
C PRO C 93 22.43 -19.95 -17.31
N ASN C 94 23.17 -19.39 -18.25
CA ASN C 94 23.70 -18.03 -18.14
C ASN C 94 24.68 -17.81 -16.99
N TYR C 95 25.29 -18.90 -16.52
CA TYR C 95 26.26 -18.78 -15.48
C TYR C 95 27.46 -17.89 -15.91
N LEU C 96 28.09 -17.24 -14.94
CA LEU C 96 29.23 -16.35 -15.23
C LEU C 96 30.50 -17.05 -14.78
N LYS C 97 31.47 -17.20 -15.66
CA LYS C 97 32.75 -17.83 -15.30
CA LYS C 97 32.73 -17.84 -15.28
C LYS C 97 33.48 -17.01 -14.22
N THR C 98 33.25 -15.71 -14.23
CA THR C 98 33.84 -14.79 -13.26
C THR C 98 33.36 -15.01 -11.80
N TRP C 99 32.31 -15.79 -11.62
CA TRP C 99 31.73 -16.02 -10.29
C TRP C 99 32.14 -17.39 -9.73
N HIS C 100 33.11 -18.04 -10.35
CA HIS C 100 33.72 -19.25 -9.85
C HIS C 100 35.16 -18.92 -9.43
N ILE C 101 35.30 -18.66 -8.13
CA ILE C 101 36.50 -17.90 -7.64
C ILE C 101 37.40 -18.75 -6.75
N GLY C 102 38.62 -19.02 -7.21
CA GLY C 102 39.56 -19.77 -6.35
C GLY C 102 40.62 -18.84 -5.75
N VAL C 103 41.27 -19.28 -4.67
CA VAL C 103 42.46 -18.57 -4.15
C VAL C 103 43.47 -19.66 -4.05
N LYS C 104 44.64 -19.39 -4.65
CA LYS C 104 45.72 -20.34 -4.60
C LYS C 104 46.78 -19.89 -3.63
N TYR C 105 47.51 -20.85 -3.07
CA TYR C 105 48.75 -20.52 -2.35
C TYR C 105 49.91 -20.59 -3.31
N ASP C 106 50.66 -19.49 -3.48
CA ASP C 106 51.64 -19.51 -4.60
C ASP C 106 52.78 -20.55 -4.38
N ALA C 107 53.09 -20.85 -3.12
CA ALA C 107 54.17 -21.81 -2.84
C ALA C 107 53.89 -23.20 -3.40
N SER C 108 52.59 -23.55 -3.46
CA SER C 108 52.16 -24.93 -3.85
C SER C 108 51.37 -24.90 -5.15
N ASN C 109 50.88 -23.76 -5.53
CA ASN C 109 49.98 -23.70 -6.69
C ASN C 109 48.74 -24.57 -6.47
N LYS C 110 48.33 -24.75 -5.21
CA LYS C 110 47.05 -25.47 -4.93
C LYS C 110 46.01 -24.54 -4.37
N LEU C 111 44.75 -24.90 -4.54
CA LEU C 111 43.62 -24.11 -4.03
CA LEU C 111 43.63 -24.08 -4.01
C LEU C 111 43.55 -24.19 -2.50
N ILE C 112 43.38 -23.03 -1.84
CA ILE C 112 43.19 -23.03 -0.39
C ILE C 112 41.92 -22.34 -0.10
N GLY C 113 41.27 -21.77 -1.16
CA GLY C 113 39.95 -21.12 -0.88
C GLY C 113 39.11 -21.14 -2.14
N PHE C 114 37.80 -20.96 -1.98
CA PHE C 114 36.86 -21.04 -3.09
C PHE C 114 35.58 -20.39 -2.68
N ILE C 115 34.92 -19.71 -3.64
CA ILE C 115 33.53 -19.32 -3.37
C ILE C 115 32.85 -19.26 -4.74
N SER C 116 31.55 -19.47 -4.86
CA SER C 116 30.93 -19.48 -6.19
C SER C 116 29.57 -18.84 -6.08
N ALA C 117 29.01 -18.44 -7.24
CA ALA C 117 27.62 -18.06 -7.31
C ALA C 117 27.12 -18.38 -8.69
N ILE C 118 25.80 -18.53 -8.81
CA ILE C 118 25.11 -18.65 -10.11
C ILE C 118 23.95 -17.67 -10.11
N PRO C 119 23.55 -17.20 -11.28
CA PRO C 119 22.46 -16.21 -11.37
C PRO C 119 21.07 -16.88 -11.42
N THR C 120 20.10 -16.34 -10.68
CA THR C 120 18.77 -16.90 -10.76
C THR C 120 17.81 -15.80 -10.37
N ASP C 121 16.59 -15.89 -10.86
CA ASP C 121 15.55 -14.95 -10.50
CA ASP C 121 15.55 -14.95 -10.50
C ASP C 121 14.88 -15.50 -9.27
N ILE C 122 14.79 -14.67 -8.23
CA ILE C 122 14.22 -15.10 -6.98
C ILE C 122 13.00 -14.21 -6.71
N CYS C 123 11.88 -14.85 -6.39
CA CYS C 123 10.65 -14.15 -6.00
C CYS C 123 10.58 -14.14 -4.50
N ILE C 124 10.69 -12.94 -3.92
CA ILE C 124 10.65 -12.78 -2.46
C ILE C 124 9.40 -11.93 -2.12
N HIS C 125 8.45 -12.51 -1.36
CA HIS C 125 7.18 -11.81 -1.04
CA HIS C 125 7.20 -11.79 -1.04
C HIS C 125 6.60 -11.18 -2.32
N LYS C 126 6.49 -11.98 -3.37
CA LYS C 126 5.88 -11.53 -4.63
C LYS C 126 6.64 -10.46 -5.43
N ARG C 127 7.89 -10.11 -5.06
CA ARG C 127 8.74 -9.31 -5.97
C ARG C 127 9.83 -10.17 -6.58
N THR C 128 9.95 -10.17 -7.91
CA THR C 128 10.96 -10.99 -8.56
C THR C 128 12.21 -10.18 -8.83
N ILE C 129 13.35 -10.66 -8.34
CA ILE C 129 14.59 -9.84 -8.31
C ILE C 129 15.70 -10.75 -8.91
N LYS C 130 16.52 -10.21 -9.80
CA LYS C 130 17.69 -10.92 -10.34
CA LYS C 130 17.68 -10.96 -10.30
C LYS C 130 18.70 -11.08 -9.18
N MET C 131 19.05 -12.33 -8.78
CA MET C 131 19.97 -12.51 -7.63
C MET C 131 21.13 -13.38 -7.96
N ALA C 132 22.17 -13.34 -7.13
CA ALA C 132 23.22 -14.39 -7.20
C ALA C 132 22.92 -15.41 -6.12
N GLU C 133 23.04 -16.70 -6.43
CA GLU C 133 22.89 -17.72 -5.41
C GLU C 133 24.27 -18.19 -5.03
N VAL C 134 24.68 -17.93 -3.79
CA VAL C 134 26.10 -18.14 -3.40
C VAL C 134 26.27 -19.48 -2.69
N ASN C 135 27.32 -20.22 -3.03
CA ASN C 135 27.50 -21.54 -2.43
C ASN C 135 28.97 -21.94 -2.50
N PHE C 136 29.32 -22.91 -1.69
CA PHE C 136 30.64 -23.54 -1.73
C PHE C 136 31.73 -22.64 -1.20
N LEU C 137 31.35 -21.71 -0.32
CA LEU C 137 32.42 -20.92 0.35
C LEU C 137 33.32 -21.86 1.19
N CYS C 138 34.65 -21.83 1.02
CA CYS C 138 35.47 -22.78 1.73
C CYS C 138 36.86 -22.23 1.86
N VAL C 139 37.38 -22.25 3.11
CA VAL C 139 38.78 -21.93 3.35
C VAL C 139 39.46 -23.19 3.93
N HIS C 140 40.65 -23.47 3.45
CA HIS C 140 41.41 -24.62 3.93
C HIS C 140 41.46 -24.66 5.46
N LYS C 141 41.40 -25.86 6.04
CA LYS C 141 41.42 -26.04 7.48
C LYS C 141 42.59 -25.41 8.15
N THR C 142 43.74 -25.36 7.48
CA THR C 142 44.92 -24.75 8.10
C THR C 142 44.97 -23.21 8.06
N LEU C 143 44.00 -22.56 7.40
CA LEU C 143 43.97 -21.11 7.28
C LEU C 143 42.70 -20.50 7.91
N ARG C 144 42.13 -21.22 8.89
CA ARG C 144 40.92 -20.73 9.52
C ARG C 144 41.15 -19.53 10.50
N SER C 145 40.10 -18.70 10.64
CA SER C 145 40.08 -17.60 11.58
C SER C 145 41.18 -16.60 11.28
N LYS C 146 41.52 -16.46 10.00
CA LYS C 146 42.44 -15.44 9.53
C LYS C 146 41.73 -14.36 8.70
N ARG C 147 40.42 -14.28 8.81
CA ARG C 147 39.65 -13.23 8.10
C ARG C 147 39.81 -13.37 6.53
N LEU C 148 39.98 -14.61 6.03
CA LEU C 148 39.98 -14.81 4.59
C LEU C 148 38.55 -14.82 4.05
N ALA C 149 37.60 -15.35 4.86
CA ALA C 149 36.21 -15.49 4.32
C ALA C 149 35.60 -14.12 3.89
N PRO C 150 35.77 -13.03 4.69
CA PRO C 150 35.28 -11.70 4.23
C PRO C 150 35.89 -11.27 2.92
N VAL C 151 37.13 -11.68 2.65
CA VAL C 151 37.83 -11.24 1.40
C VAL C 151 37.13 -11.96 0.22
N LEU C 152 36.90 -13.26 0.38
CA LEU C 152 36.13 -14.01 -0.61
CA LEU C 152 36.14 -14.00 -0.62
C LEU C 152 34.75 -13.41 -0.87
N ILE C 153 34.08 -13.06 0.22
CA ILE C 153 32.73 -12.57 0.11
C ILE C 153 32.74 -11.18 -0.58
N LYS C 154 33.63 -10.31 -0.14
CA LYS C 154 33.71 -9.03 -0.78
C LYS C 154 34.06 -9.11 -2.27
N GLU C 155 35.00 -9.98 -2.60
CA GLU C 155 35.40 -10.11 -4.00
C GLU C 155 34.25 -10.69 -4.85
N ILE C 156 33.56 -11.73 -4.35
CA ILE C 156 32.42 -12.19 -5.15
C ILE C 156 31.33 -11.13 -5.30
N THR C 157 31.07 -10.36 -4.23
CA THR C 157 30.07 -9.31 -4.28
C THR C 157 30.45 -8.28 -5.39
N ARG C 158 31.73 -7.91 -5.39
CA ARG C 158 32.21 -6.96 -6.43
C ARG C 158 31.91 -7.54 -7.84
N ARG C 159 32.22 -8.82 -8.09
CA ARG C 159 32.02 -9.40 -9.42
C ARG C 159 30.55 -9.59 -9.81
N ILE C 160 29.69 -9.80 -8.81
CA ILE C 160 28.25 -9.89 -9.06
C ILE C 160 27.73 -8.47 -9.34
N ASN C 161 28.17 -7.46 -8.57
CA ASN C 161 27.75 -6.10 -8.88
C ASN C 161 28.15 -5.61 -10.27
N LEU C 162 29.26 -6.13 -10.84
CA LEU C 162 29.63 -5.77 -12.23
C LEU C 162 28.64 -6.32 -13.31
N GLU C 163 27.74 -7.23 -12.88
CA GLU C 163 26.61 -7.67 -13.65
C GLU C 163 25.33 -6.93 -13.33
N ASN C 164 25.44 -5.80 -12.61
CA ASN C 164 24.26 -5.03 -12.25
C ASN C 164 23.30 -5.84 -11.38
N ILE C 165 23.82 -6.69 -10.48
CA ILE C 165 23.01 -7.53 -9.62
C ILE C 165 23.46 -7.16 -8.22
N TRP C 166 22.49 -6.89 -7.35
CA TRP C 166 22.79 -6.23 -6.06
C TRP C 166 22.18 -7.00 -4.90
N GLN C 167 21.51 -8.13 -5.21
CA GLN C 167 20.94 -9.00 -4.13
C GLN C 167 21.53 -10.41 -4.26
N ALA C 168 21.62 -11.17 -3.16
CA ALA C 168 21.99 -12.56 -3.24
C ALA C 168 21.19 -13.41 -2.28
N ILE C 169 21.20 -14.71 -2.55
CA ILE C 169 20.55 -15.62 -1.62
C ILE C 169 21.59 -16.62 -1.23
N TYR C 170 21.60 -17.02 0.06
CA TYR C 170 22.56 -18.03 0.53
C TYR C 170 21.94 -18.77 1.76
N THR C 171 22.51 -19.93 2.06
CA THR C 171 22.09 -20.69 3.24
C THR C 171 23.32 -21.02 4.07
N ALA C 172 23.13 -21.18 5.36
CA ALA C 172 24.21 -21.73 6.16
C ALA C 172 23.64 -22.40 7.38
N GLY C 173 24.41 -23.31 7.94
CA GLY C 173 24.10 -23.94 9.23
C GLY C 173 24.40 -22.98 10.35
N VAL C 174 25.33 -22.05 10.15
CA VAL C 174 25.62 -21.09 11.25
C VAL C 174 24.63 -19.93 11.31
N TYR C 175 24.50 -19.38 12.53
CA TYR C 175 23.59 -18.24 12.78
C TYR C 175 24.29 -16.89 12.53
N LEU C 176 23.87 -16.14 11.53
CA LEU C 176 24.47 -14.88 11.11
C LEU C 176 23.40 -13.86 11.05
N PRO C 177 23.74 -12.55 10.87
CA PRO C 177 22.72 -11.50 10.66
C PRO C 177 22.19 -11.53 9.25
N LYS C 178 20.87 -11.76 9.07
CA LYS C 178 19.91 -12.37 10.03
C LYS C 178 19.04 -13.30 9.18
N PRO C 179 18.69 -14.51 9.67
CA PRO C 179 17.88 -15.36 8.76
C PRO C 179 16.55 -14.74 8.30
N VAL C 180 16.14 -14.99 7.04
CA VAL C 180 14.75 -14.71 6.66
C VAL C 180 13.91 -15.94 7.02
N SER C 181 14.53 -17.12 7.08
CA SER C 181 13.83 -18.29 7.57
C SER C 181 14.81 -19.29 8.11
N ASP C 182 14.32 -20.22 8.91
CA ASP C 182 15.16 -21.26 9.49
C ASP C 182 14.48 -22.62 9.27
N ALA C 183 15.19 -23.59 8.71
CA ALA C 183 14.56 -24.88 8.39
C ALA C 183 15.31 -26.02 9.00
N ARG C 184 14.70 -26.70 9.98
CA ARG C 184 15.33 -27.91 10.50
C ARG C 184 15.43 -29.02 9.49
N TYR C 185 16.47 -29.85 9.57
CA TYR C 185 16.43 -31.01 8.72
C TYR C 185 16.06 -32.27 9.47
N TYR C 186 15.48 -33.18 8.71
CA TYR C 186 14.98 -34.48 9.15
C TYR C 186 15.50 -35.58 8.26
N HIS C 187 15.57 -36.81 8.78
CA HIS C 187 16.21 -37.90 8.08
C HIS C 187 15.34 -39.11 8.12
N ARG C 188 15.12 -39.76 6.98
N ARG C 188 15.14 -39.76 6.98
CA ARG C 188 14.45 -41.08 6.98
CA ARG C 188 14.47 -41.06 7.01
C ARG C 188 15.46 -42.16 6.70
C ARG C 188 15.48 -42.14 6.72
N SER C 189 15.67 -43.06 7.69
CA SER C 189 16.68 -44.08 7.53
C SER C 189 16.25 -45.11 6.51
N ILE C 190 17.17 -45.53 5.62
CA ILE C 190 16.97 -46.56 4.64
C ILE C 190 17.84 -47.78 4.99
N ASN C 191 19.16 -47.61 5.04
CA ASN C 191 20.05 -48.71 5.38
CA ASN C 191 20.03 -48.71 5.38
C ASN C 191 20.30 -48.56 6.87
N VAL C 192 19.32 -49.04 7.67
CA VAL C 192 19.25 -48.83 9.09
C VAL C 192 20.54 -49.37 9.81
N LYS C 193 20.98 -50.57 9.44
CA LYS C 193 22.17 -51.19 10.06
C LYS C 193 23.37 -50.21 10.04
N LYS C 194 23.60 -49.65 8.86
CA LYS C 194 24.78 -48.79 8.65
C LYS C 194 24.60 -47.49 9.40
N LEU C 195 23.40 -46.89 9.38
CA LEU C 195 23.21 -45.67 10.07
C LEU C 195 23.46 -45.80 11.58
N ILE C 196 23.02 -46.93 12.13
CA ILE C 196 23.34 -47.21 13.54
C ILE C 196 24.83 -47.40 13.75
N GLU C 197 25.49 -48.25 12.96
CA GLU C 197 26.93 -48.48 13.11
C GLU C 197 27.75 -47.17 13.06
N ILE C 198 27.44 -46.25 12.14
CA ILE C 198 28.28 -45.04 12.03
C ILE C 198 27.90 -43.89 12.99
N GLY C 199 26.81 -44.05 13.72
CA GLY C 199 26.31 -43.02 14.64
C GLY C 199 25.59 -41.82 14.04
N PHE C 200 24.86 -42.03 12.95
CA PHE C 200 24.21 -40.91 12.26
C PHE C 200 23.21 -40.03 13.06
N ALA C 212 11.00 -51.72 17.05
CA ALA C 212 11.14 -50.47 16.31
C ALA C 212 11.55 -50.62 14.82
N ILE C 213 11.87 -51.84 14.38
CA ILE C 213 12.36 -52.08 12.99
C ILE C 213 11.38 -52.56 11.90
N LYS C 214 10.42 -51.70 11.63
CA LYS C 214 9.75 -51.64 10.34
C LYS C 214 10.28 -50.38 9.64
N LEU C 215 11.44 -49.93 10.12
CA LEU C 215 12.31 -48.98 9.40
C LEU C 215 13.02 -49.75 8.27
N TYR C 216 13.65 -50.89 8.61
CA TYR C 216 14.15 -51.76 7.50
CA TYR C 216 14.12 -51.84 7.60
C TYR C 216 13.01 -52.56 6.80
N ARG C 217 11.74 -52.13 6.95
CA ARG C 217 10.59 -52.70 6.14
C ARG C 217 9.82 -51.75 5.22
N VAL C 218 10.26 -51.59 3.98
CA VAL C 218 9.50 -50.73 3.08
C VAL C 218 8.98 -51.61 1.94
N GLU C 219 7.75 -51.38 1.57
CA GLU C 219 7.14 -52.22 0.49
C GLU C 219 7.71 -51.69 -0.85
N ASP C 220 8.24 -52.57 -1.70
CA ASP C 220 8.82 -52.18 -2.97
C ASP C 220 7.77 -51.94 -4.06
N THR C 221 6.68 -51.27 -3.76
CA THR C 221 5.65 -50.96 -4.76
C THR C 221 5.31 -49.47 -4.60
N LEU C 222 5.28 -48.74 -5.72
CA LEU C 222 4.96 -47.30 -5.74
C LEU C 222 3.47 -47.10 -5.53
N ASN C 223 3.10 -46.08 -4.79
CA ASN C 223 1.72 -45.61 -4.75
C ASN C 223 1.24 -45.05 -6.10
N ILE C 224 2.16 -44.38 -6.82
CA ILE C 224 1.84 -43.76 -8.12
C ILE C 224 2.55 -44.68 -9.13
N LYS C 225 1.79 -45.62 -9.69
CA LYS C 225 2.49 -46.75 -10.36
C LYS C 225 3.35 -46.35 -11.53
N ASN C 226 2.97 -45.26 -12.23
CA ASN C 226 3.64 -44.87 -13.47
C ASN C 226 4.78 -43.83 -13.30
N MET C 227 5.13 -43.53 -12.04
CA MET C 227 6.23 -42.62 -11.72
CA MET C 227 6.25 -42.61 -11.74
C MET C 227 7.48 -43.17 -12.44
N ARG C 228 8.10 -42.34 -13.28
CA ARG C 228 9.21 -42.83 -14.11
C ARG C 228 10.26 -41.71 -14.29
N LEU C 229 11.48 -42.09 -14.65
CA LEU C 229 12.50 -41.04 -14.79
C LEU C 229 12.08 -40.05 -15.79
N MET C 230 12.39 -38.79 -15.51
CA MET C 230 12.07 -37.68 -16.39
C MET C 230 12.89 -37.76 -17.69
N LYS C 231 12.26 -37.40 -18.79
N LYS C 231 12.25 -37.42 -18.80
CA LYS C 231 12.92 -37.40 -20.11
CA LYS C 231 12.90 -37.43 -20.13
C LYS C 231 12.83 -35.99 -20.66
C LYS C 231 12.83 -36.01 -20.67
N LYS C 232 13.63 -35.72 -21.69
CA LYS C 232 13.55 -34.36 -22.37
C LYS C 232 12.17 -33.89 -22.75
N LYS C 233 11.36 -34.81 -23.26
CA LYS C 233 10.03 -34.43 -23.68
C LYS C 233 9.15 -33.94 -22.53
N ASP C 234 9.52 -34.25 -21.28
CA ASP C 234 8.75 -33.82 -20.12
C ASP C 234 9.04 -32.40 -19.61
N VAL C 235 10.04 -31.71 -20.20
CA VAL C 235 10.53 -30.43 -19.68
C VAL C 235 9.37 -29.43 -19.55
N GLU C 236 8.66 -29.21 -20.69
CA GLU C 236 7.50 -28.30 -20.67
CA GLU C 236 7.50 -28.33 -20.67
C GLU C 236 6.50 -28.63 -19.56
N GLY C 237 6.14 -29.91 -19.39
CA GLY C 237 5.13 -30.26 -18.37
C GLY C 237 5.66 -30.04 -16.94
N VAL C 238 6.90 -30.41 -16.71
CA VAL C 238 7.53 -30.10 -15.38
C VAL C 238 7.59 -28.56 -15.10
N HIS C 239 7.92 -27.83 -16.16
CA HIS C 239 8.00 -26.39 -16.04
C HIS C 239 6.60 -25.85 -15.64
N LYS C 240 5.55 -26.40 -16.24
CA LYS C 240 4.21 -25.91 -15.93
C LYS C 240 3.80 -26.32 -14.52
N LEU C 241 4.08 -27.58 -14.19
CA LEU C 241 3.59 -28.11 -12.88
C LEU C 241 4.35 -27.42 -11.76
N LEU C 242 5.67 -27.38 -11.90
CA LEU C 242 6.49 -26.81 -10.78
C LEU C 242 6.29 -25.34 -10.70
N GLY C 243 6.25 -24.67 -11.85
CA GLY C 243 6.15 -23.20 -11.85
C GLY C 243 4.85 -22.72 -11.21
N SER C 244 3.75 -23.39 -11.54
CA SER C 244 2.49 -23.06 -10.88
CA SER C 244 2.49 -23.09 -10.88
C SER C 244 2.54 -23.38 -9.38
N TYR C 245 3.07 -24.54 -9.02
CA TYR C 245 3.15 -24.91 -7.60
C TYR C 245 3.95 -23.91 -6.77
N LEU C 246 5.07 -23.45 -7.30
CA LEU C 246 5.94 -22.59 -6.46
C LEU C 246 5.38 -21.19 -6.13
N GLU C 247 4.44 -20.71 -6.94
CA GLU C 247 3.85 -19.39 -6.76
C GLU C 247 3.17 -19.14 -5.41
N GLN C 248 2.81 -20.20 -4.71
CA GLN C 248 2.18 -20.05 -3.40
C GLN C 248 3.18 -19.62 -2.31
N PHE C 249 4.51 -19.83 -2.53
CA PHE C 249 5.50 -19.64 -1.45
C PHE C 249 5.99 -18.19 -1.38
N ASN C 250 6.58 -17.85 -0.22
CA ASN C 250 7.08 -16.50 -0.01
CA ASN C 250 7.12 -16.52 0.09
C ASN C 250 8.51 -16.33 -0.54
N LEU C 251 9.13 -17.43 -0.98
CA LEU C 251 10.53 -17.34 -1.46
C LEU C 251 10.76 -18.52 -2.37
N TYR C 252 11.02 -18.26 -3.64
CA TYR C 252 11.20 -19.36 -4.62
C TYR C 252 11.94 -18.83 -5.80
N ALA C 253 12.61 -19.75 -6.50
CA ALA C 253 13.18 -19.42 -7.77
C ALA C 253 12.14 -19.47 -8.88
N VAL C 254 12.26 -18.51 -9.80
CA VAL C 254 11.34 -18.41 -10.97
C VAL C 254 12.09 -19.06 -12.12
N PHE C 255 11.81 -20.34 -12.34
CA PHE C 255 12.54 -21.18 -13.34
C PHE C 255 12.06 -20.86 -14.76
N THR C 256 13.00 -20.70 -15.67
CA THR C 256 12.67 -20.68 -17.11
C THR C 256 12.65 -22.13 -17.59
N LYS C 257 12.22 -22.37 -18.83
CA LYS C 257 12.20 -23.71 -19.39
CA LYS C 257 12.21 -23.72 -19.38
C LYS C 257 13.62 -24.30 -19.43
N GLU C 258 14.61 -23.47 -19.84
CA GLU C 258 15.99 -23.90 -19.92
CA GLU C 258 15.99 -24.01 -19.93
C GLU C 258 16.51 -24.33 -18.53
N GLU C 259 16.07 -23.58 -17.52
CA GLU C 259 16.47 -23.85 -16.11
C GLU C 259 15.85 -25.17 -15.63
N ILE C 260 14.60 -25.39 -16.02
CA ILE C 260 13.96 -26.68 -15.72
C ILE C 260 14.79 -27.82 -16.35
N ALA C 261 15.13 -27.69 -17.63
CA ALA C 261 15.94 -28.75 -18.22
C ALA C 261 17.27 -28.98 -17.49
N HIS C 262 17.94 -27.88 -17.10
CA HIS C 262 19.21 -28.06 -16.39
C HIS C 262 19.03 -28.66 -14.98
N TRP C 263 18.08 -28.12 -14.23
CA TRP C 263 18.01 -28.51 -12.82
C TRP C 263 17.36 -29.84 -12.57
N PHE C 264 16.66 -30.36 -13.57
CA PHE C 264 15.87 -31.58 -13.33
C PHE C 264 16.17 -32.75 -14.22
N LEU C 265 16.69 -32.53 -15.42
CA LEU C 265 16.85 -33.75 -16.29
C LEU C 265 17.89 -34.64 -15.57
N PRO C 266 17.60 -35.93 -15.43
CA PRO C 266 18.42 -36.73 -14.54
C PRO C 266 19.82 -36.95 -14.99
N ILE C 267 20.71 -37.00 -14.00
CA ILE C 267 22.12 -37.28 -14.24
C ILE C 267 22.47 -38.25 -13.11
N GLU C 268 22.87 -39.46 -13.47
N GLU C 268 22.94 -39.45 -13.48
CA GLU C 268 23.08 -40.48 -12.45
CA GLU C 268 23.20 -40.49 -12.46
C GLU C 268 24.09 -40.02 -11.37
C GLU C 268 24.11 -39.98 -11.35
N ASN C 269 23.77 -40.29 -10.10
CA ASN C 269 24.62 -39.90 -8.95
C ASN C 269 24.68 -38.39 -8.77
N VAL C 270 23.75 -37.66 -9.40
CA VAL C 270 23.77 -36.22 -9.23
C VAL C 270 22.32 -35.76 -8.93
N ILE C 271 21.43 -35.87 -9.92
CA ILE C 271 20.06 -35.39 -9.75
C ILE C 271 19.13 -36.49 -10.34
N TYR C 272 18.08 -36.76 -9.58
CA TYR C 272 17.03 -37.80 -9.91
C TYR C 272 15.71 -37.11 -9.95
N THR C 273 14.97 -37.23 -11.06
CA THR C 273 13.67 -36.57 -11.15
C THR C 273 12.79 -37.57 -11.80
N TYR C 274 11.60 -37.77 -11.23
CA TYR C 274 10.64 -38.79 -11.70
C TYR C 274 9.34 -38.03 -11.94
N VAL C 275 8.56 -38.46 -12.96
CA VAL C 275 7.30 -37.77 -13.24
C VAL C 275 6.20 -38.81 -13.45
N ASN C 276 4.97 -38.41 -13.18
CA ASN C 276 3.78 -39.20 -13.53
C ASN C 276 3.04 -38.49 -14.66
N GLU C 277 3.01 -39.15 -15.82
CA GLU C 277 2.39 -38.55 -17.01
C GLU C 277 1.03 -39.21 -17.20
N GLU C 278 -0.04 -38.41 -17.21
CA GLU C 278 -1.38 -38.96 -17.31
C GLU C 278 -2.09 -38.16 -18.40
N ASN C 279 -2.46 -38.86 -19.47
CA ASN C 279 -3.20 -38.28 -20.60
C ASN C 279 -2.46 -37.10 -21.20
N GLY C 280 -1.18 -37.27 -21.46
CA GLY C 280 -0.39 -36.22 -22.11
C GLY C 280 0.18 -35.22 -21.13
N LYS C 281 -0.29 -35.24 -19.89
CA LYS C 281 0.10 -34.14 -18.95
C LYS C 281 0.98 -34.62 -17.78
N ILE C 282 1.94 -33.80 -17.39
CA ILE C 282 2.73 -34.17 -16.20
C ILE C 282 1.96 -33.72 -14.97
N LYS C 283 1.49 -34.68 -14.18
CA LYS C 283 0.67 -34.37 -13.00
C LYS C 283 1.37 -34.48 -11.64
N ASP C 284 2.45 -35.23 -11.55
CA ASP C 284 3.14 -35.36 -10.24
C ASP C 284 4.62 -35.45 -10.53
N MET C 285 5.48 -34.95 -9.61
CA MET C 285 6.92 -35.07 -9.84
C MET C 285 7.58 -35.31 -8.47
N ILE C 286 8.67 -36.08 -8.49
CA ILE C 286 9.57 -36.22 -7.34
C ILE C 286 11.00 -35.86 -7.79
N SER C 287 11.80 -35.18 -6.95
CA SER C 287 13.22 -35.02 -7.33
C SER C 287 14.01 -34.99 -6.02
N PHE C 288 15.23 -35.48 -6.11
CA PHE C 288 16.20 -35.44 -5.00
C PHE C 288 17.60 -35.46 -5.63
N TYR C 289 18.54 -34.80 -4.99
CA TYR C 289 19.89 -34.87 -5.46
C TYR C 289 20.80 -35.69 -4.54
N SER C 290 21.97 -36.08 -5.05
CA SER C 290 22.80 -37.04 -4.36
C SER C 290 24.00 -36.28 -3.78
N LEU C 291 24.19 -36.35 -2.49
CA LEU C 291 25.24 -35.61 -1.84
C LEU C 291 25.80 -36.58 -0.74
N PRO C 292 26.91 -37.28 -1.07
CA PRO C 292 27.52 -38.21 -0.09
C PRO C 292 28.15 -37.40 1.00
N SER C 293 28.34 -38.02 2.17
CA SER C 293 29.19 -37.49 3.21
C SER C 293 30.29 -38.52 3.46
N GLN C 294 31.50 -38.02 3.56
CA GLN C 294 32.63 -38.80 3.97
C GLN C 294 32.46 -39.12 5.48
N ILE C 295 32.72 -40.38 5.90
CA ILE C 295 32.47 -40.74 7.31
C ILE C 295 33.87 -40.65 8.00
N LEU C 296 34.04 -39.70 8.89
CA LEU C 296 35.39 -39.35 9.30
C LEU C 296 35.79 -40.29 10.43
N GLY C 297 37.00 -40.80 10.32
CA GLY C 297 37.61 -41.58 11.42
C GLY C 297 36.89 -42.89 11.72
N ASN C 298 36.20 -43.40 10.70
CA ASN C 298 35.51 -44.66 10.78
C ASN C 298 36.22 -45.55 9.82
N ASP C 299 36.84 -46.61 10.33
CA ASP C 299 37.66 -47.48 9.51
C ASP C 299 36.84 -48.61 8.81
N LYS C 300 35.56 -48.76 9.16
CA LYS C 300 34.69 -49.81 8.64
CA LYS C 300 34.69 -49.82 8.60
C LYS C 300 33.87 -49.31 7.42
N TYR C 301 33.48 -48.03 7.47
CA TYR C 301 32.69 -47.40 6.38
C TYR C 301 33.34 -46.09 5.97
N SER C 302 33.35 -45.80 4.69
CA SER C 302 33.95 -44.56 4.28
C SER C 302 32.99 -43.48 3.75
N THR C 303 31.85 -43.88 3.18
CA THR C 303 30.91 -42.89 2.59
C THR C 303 29.47 -43.20 3.02
N LEU C 304 28.70 -42.17 3.29
CA LEU C 304 27.31 -42.26 3.53
C LEU C 304 26.62 -41.75 2.24
N ASN C 305 25.83 -42.56 1.56
CA ASN C 305 25.20 -42.14 0.35
CA ASN C 305 25.22 -42.18 0.28
C ASN C 305 23.84 -41.62 0.69
N ALA C 306 23.64 -40.34 0.48
CA ALA C 306 22.41 -39.72 0.96
C ALA C 306 21.70 -39.00 -0.21
N ALA C 307 20.37 -39.06 -0.21
CA ALA C 307 19.48 -38.39 -1.18
C ALA C 307 18.86 -37.23 -0.43
N TYR C 308 18.82 -36.07 -1.09
CA TYR C 308 18.26 -34.85 -0.52
C TYR C 308 17.05 -34.45 -1.28
N SER C 309 15.95 -34.37 -0.55
CA SER C 309 14.68 -33.92 -1.12
C SER C 309 14.79 -32.57 -1.80
N PHE C 310 14.35 -32.48 -3.06
CA PHE C 310 14.58 -31.22 -3.85
C PHE C 310 13.20 -30.62 -4.06
N TYR C 311 12.49 -30.93 -5.15
CA TYR C 311 11.14 -30.42 -5.40
C TYR C 311 10.15 -31.58 -5.67
N ASN C 312 9.03 -31.59 -4.97
CA ASN C 312 8.04 -32.72 -5.02
C ASN C 312 6.68 -32.07 -5.14
N VAL C 313 5.86 -32.51 -6.12
CA VAL C 313 4.54 -31.91 -6.31
C VAL C 313 3.59 -33.04 -6.64
N THR C 314 2.40 -33.01 -6.04
CA THR C 314 1.44 -34.09 -6.44
C THR C 314 0.10 -33.42 -6.67
N THR C 315 -0.55 -33.80 -7.77
CA THR C 315 -1.94 -33.35 -8.02
C THR C 315 -2.90 -34.56 -8.15
N THR C 316 -2.35 -35.77 -8.17
CA THR C 316 -3.18 -37.03 -8.24
C THR C 316 -3.12 -37.91 -6.98
N ALA C 317 -2.34 -37.52 -5.99
CA ALA C 317 -2.10 -38.37 -4.81
C ALA C 317 -2.01 -37.48 -3.57
N THR C 318 -1.84 -38.06 -2.40
CA THR C 318 -1.58 -37.25 -1.21
C THR C 318 -0.12 -36.95 -1.14
N PHE C 319 0.23 -35.88 -0.44
CA PHE C 319 1.66 -35.55 -0.35
C PHE C 319 2.41 -36.64 0.41
N LYS C 320 1.71 -37.23 1.37
CA LYS C 320 2.27 -38.36 2.09
C LYS C 320 2.63 -39.56 1.16
N GLN C 321 1.68 -39.92 0.30
CA GLN C 321 1.92 -40.98 -0.71
C GLN C 321 3.06 -40.63 -1.63
N LEU C 322 3.08 -39.39 -2.10
CA LEU C 322 4.17 -38.88 -2.98
C LEU C 322 5.57 -39.03 -2.31
N MET C 323 5.69 -38.54 -1.09
CA MET C 323 6.98 -38.65 -0.38
C MET C 323 7.33 -40.09 -0.01
N GLN C 324 6.29 -40.93 0.20
CA GLN C 324 6.60 -42.33 0.47
C GLN C 324 7.25 -42.96 -0.78
N ASP C 325 6.72 -42.57 -1.95
CA ASP C 325 7.33 -42.96 -3.23
C ASP C 325 8.74 -42.37 -3.43
N ALA C 326 8.97 -41.13 -2.98
CA ALA C 326 10.31 -40.55 -3.09
C ALA C 326 11.35 -41.41 -2.29
N ILE C 327 10.96 -41.77 -1.05
CA ILE C 327 11.77 -42.71 -0.22
C ILE C 327 12.03 -44.02 -0.93
N LEU C 328 10.94 -44.65 -1.47
CA LEU C 328 11.14 -45.94 -2.15
C LEU C 328 12.11 -45.73 -3.37
N LEU C 329 11.92 -44.65 -4.13
CA LEU C 329 12.82 -44.43 -5.31
C LEU C 329 14.27 -44.19 -4.82
N ALA C 330 14.41 -43.50 -3.69
CA ALA C 330 15.79 -43.37 -3.12
C ALA C 330 16.35 -44.75 -2.70
N LYS C 331 15.49 -45.56 -2.10
CA LYS C 331 15.94 -46.89 -1.66
C LYS C 331 16.34 -47.70 -2.91
N ARG C 332 15.50 -47.66 -3.95
CA ARG C 332 15.83 -48.39 -5.17
C ARG C 332 17.12 -47.96 -5.85
N ASN C 333 17.55 -46.71 -5.60
CA ASN C 333 18.76 -46.17 -6.18
C ASN C 333 19.97 -46.20 -5.27
N ASN C 334 19.84 -47.01 -4.20
CA ASN C 334 20.96 -47.47 -3.35
CA ASN C 334 21.02 -47.43 -3.42
C ASN C 334 21.41 -46.38 -2.37
N PHE C 335 20.50 -45.48 -2.03
CA PHE C 335 20.81 -44.48 -0.99
C PHE C 335 20.63 -45.07 0.41
N ASP C 336 21.47 -44.61 1.34
CA ASP C 336 21.40 -45.10 2.75
C ASP C 336 20.40 -44.34 3.56
N VAL C 337 20.07 -43.11 3.15
CA VAL C 337 19.27 -42.20 3.99
C VAL C 337 18.61 -41.18 3.08
N PHE C 338 17.45 -40.65 3.48
CA PHE C 338 16.71 -39.69 2.64
C PHE C 338 16.50 -38.47 3.54
N ASN C 339 17.03 -37.29 3.14
CA ASN C 339 17.06 -36.11 3.96
C ASN C 339 16.12 -35.07 3.41
N ALA C 340 15.44 -34.34 4.29
CA ALA C 340 14.52 -33.35 3.85
C ALA C 340 14.53 -32.18 4.85
N LEU C 341 14.27 -30.99 4.34
CA LEU C 341 14.10 -29.79 5.18
C LEU C 341 12.66 -29.63 5.49
N GLU C 342 12.32 -28.89 6.58
CA GLU C 342 10.92 -28.53 6.85
C GLU C 342 10.38 -27.39 6.01
N VAL C 343 10.61 -27.43 4.69
CA VAL C 343 10.12 -26.42 3.79
C VAL C 343 8.92 -26.93 2.96
N MET C 344 8.25 -26.04 2.23
CA MET C 344 7.05 -26.43 1.42
C MET C 344 6.14 -27.28 2.26
N GLN C 345 5.66 -28.41 1.74
CA GLN C 345 4.71 -29.27 2.48
C GLN C 345 5.37 -30.33 3.32
N ASN C 346 6.69 -30.32 3.41
CA ASN C 346 7.34 -31.47 4.01
C ASN C 346 7.05 -31.80 5.44
N LYS C 347 6.94 -30.78 6.31
CA LYS C 347 6.78 -31.09 7.74
CA LYS C 347 6.78 -31.09 7.74
C LYS C 347 5.55 -32.00 7.98
N SER C 348 4.50 -31.76 7.21
CA SER C 348 3.22 -32.51 7.30
C SER C 348 3.40 -34.00 7.15
N VAL C 349 4.51 -34.49 6.59
CA VAL C 349 4.65 -35.98 6.36
C VAL C 349 5.65 -36.68 7.29
N PHE C 350 6.39 -35.87 8.10
CA PHE C 350 7.54 -36.42 8.72
C PHE C 350 7.20 -37.47 9.78
N GLU C 351 6.18 -37.15 10.59
CA GLU C 351 5.72 -38.06 11.61
CA GLU C 351 5.72 -38.07 11.61
C GLU C 351 5.31 -39.42 10.99
N ASP C 352 4.34 -39.41 10.06
CA ASP C 352 3.83 -40.67 9.42
C ASP C 352 4.86 -41.44 8.65
N LEU C 353 5.83 -40.74 8.05
CA LEU C 353 6.84 -41.42 7.25
C LEU C 353 8.12 -41.74 8.01
N LYS C 354 8.10 -41.57 9.34
CA LYS C 354 9.15 -42.09 10.24
CA LYS C 354 9.15 -42.14 10.20
C LYS C 354 10.48 -41.37 10.06
N PHE C 355 10.40 -40.08 9.75
CA PHE C 355 11.62 -39.24 9.73
C PHE C 355 11.99 -38.85 11.16
N GLY C 356 13.28 -38.85 11.48
CA GLY C 356 13.75 -38.37 12.78
C GLY C 356 14.25 -36.96 12.60
N GLU C 357 13.93 -36.07 13.55
CA GLU C 357 14.52 -34.73 13.62
C GLU C 357 16.03 -34.77 13.68
N GLY C 358 16.69 -33.92 12.90
CA GLY C 358 18.15 -33.94 12.90
C GLY C 358 18.77 -33.04 13.97
N ASP C 359 20.07 -32.83 13.80
N ASP C 359 20.04 -32.68 13.78
CA ASP C 359 20.94 -32.05 14.68
CA ASP C 359 20.90 -32.07 14.81
C ASP C 359 21.22 -30.71 14.03
C ASP C 359 20.94 -30.52 14.82
N GLY C 360 20.18 -29.89 13.93
CA GLY C 360 20.33 -28.48 13.66
C GLY C 360 19.49 -28.08 12.46
N SER C 361 19.83 -26.94 11.90
CA SER C 361 18.95 -26.33 10.96
C SER C 361 19.74 -25.59 9.91
N LEU C 362 19.04 -25.25 8.81
CA LEU C 362 19.66 -24.50 7.71
C LEU C 362 19.00 -23.13 7.75
N LYS C 363 19.83 -22.07 7.86
CA LYS C 363 19.27 -20.74 7.87
C LYS C 363 19.29 -20.19 6.43
N TYR C 364 18.24 -19.50 6.04
CA TYR C 364 18.13 -18.91 4.69
C TYR C 364 18.39 -17.41 4.84
N TYR C 365 19.29 -16.88 4.00
CA TYR C 365 19.63 -15.45 4.08
C TYR C 365 19.47 -14.77 2.75
N LEU C 366 19.24 -13.47 2.81
CA LEU C 366 19.30 -12.64 1.64
C LEU C 366 20.29 -11.51 1.92
N TYR C 367 20.96 -11.11 0.87
CA TYR C 367 21.92 -9.99 0.96
C TYR C 367 21.31 -8.78 0.32
N ASN C 368 21.38 -7.65 1.04
CA ASN C 368 20.84 -6.38 0.53
C ASN C 368 19.33 -6.43 0.26
N TRP C 369 18.62 -7.06 1.18
CA TRP C 369 17.16 -7.13 1.12
C TRP C 369 16.58 -7.19 2.51
N LYS C 370 15.61 -6.30 2.73
CA LYS C 370 14.93 -6.15 3.96
C LYS C 370 13.48 -6.67 3.74
N CYS C 371 13.03 -7.61 4.56
CA CYS C 371 11.64 -8.14 4.50
C CYS C 371 11.36 -8.84 5.80
N ALA C 372 10.08 -9.11 6.13
CA ALA C 372 9.76 -9.88 7.35
C ALA C 372 10.27 -11.32 7.19
N SER C 373 10.80 -11.87 8.28
CA SER C 373 11.12 -13.27 8.38
C SER C 373 9.84 -14.11 8.34
N PHE C 374 9.96 -15.41 8.06
CA PHE C 374 8.76 -16.26 7.91
C PHE C 374 9.06 -17.69 8.26
N ALA C 375 7.97 -18.44 8.58
CA ALA C 375 8.07 -19.85 8.90
C ALA C 375 8.54 -20.64 7.65
N PRO C 376 9.31 -21.72 7.84
CA PRO C 376 9.92 -22.46 6.71
C PRO C 376 8.88 -23.18 5.79
N ALA C 377 7.65 -23.40 6.26
CA ALA C 377 6.58 -23.92 5.36
C ALA C 377 6.37 -22.95 4.22
N HIS C 378 6.76 -21.66 4.37
CA HIS C 378 6.63 -20.64 3.35
C HIS C 378 7.85 -20.46 2.43
N VAL C 379 8.90 -21.21 2.72
CA VAL C 379 10.07 -21.30 1.82
C VAL C 379 9.77 -22.30 0.68
N GLY C 380 10.02 -21.87 -0.56
CA GLY C 380 9.75 -22.67 -1.72
C GLY C 380 11.02 -22.84 -2.53
N ILE C 381 12.18 -22.79 -1.88
CA ILE C 381 13.46 -23.03 -2.63
C ILE C 381 14.33 -23.94 -1.81
N VAL C 382 15.07 -24.83 -2.48
CA VAL C 382 16.03 -25.71 -1.83
C VAL C 382 17.35 -25.48 -2.52
N LEU C 383 18.38 -25.01 -1.77
CA LEU C 383 19.71 -24.81 -2.39
CA LEU C 383 19.69 -24.81 -2.41
C LEU C 383 20.47 -26.12 -2.43
N LEU C 384 21.61 -26.13 -3.11
CA LEU C 384 22.41 -27.38 -3.13
C LEU C 384 23.43 -27.49 -1.99
#